data_8PLC
#
_entry.id   8PLC
#
_cell.length_a   62.120
_cell.length_b   103.290
_cell.length_c   133.610
_cell.angle_alpha   90.000
_cell.angle_beta   92.030
_cell.angle_gamma   90.000
#
_symmetry.space_group_name_H-M   'P 1 21 1'
#
loop_
_entity.id
_entity.type
_entity.pdbx_description
1 polymer 'Thioredoxin glutathione reductase'
2 non-polymer 'FLAVIN-ADENINE DINUCLEOTIDE'
3 non-polymer (1~{R})-1-(4-ethoxyphenyl)ethanamine
4 water water
#
_entity_poly.entity_id   1
_entity_poly.type   'polypeptide(L)'
_entity_poly.pdbx_seq_one_letter_code
;GPPPADGTSQWLRKTVDSAAVILFSKTTCPYCKKVKDVLAEAKIKHATIELDQLSNGSAIQKCLASFSKIETVPQMFVRG
KFIGDSQTVLKYYSNDELAGIVNESKYDYDLIVIGGGSGGLAAGKEAAKYGAKTAVLDYVEPTPIGTTWGLGGTCVNVGC
IPKKLMHQAGLLSHALEDAEHFGWSLDRSKISHNWSTMVEGVQSHIGSLNWGYKVALRDNQVTYLNAKGRLISPHEVQIT
DKNQKVSTITGNKIILATGERPKYPEIPGAVEYGITSDDLFSLPYFPGKTLVIGASYVALECAGFLASLGGDVTVMVRSI
LLRGFDQQMAEKVGDYMENHGVKFAKLCVPDEIKQLKVVDTENNKPGLLLVKGHYTDGKKFEEEFETVIFAVGREPQLSK
VLCETVGVKLDKNGRVVCTDDEQTTVSNVYAIGDINAGKPQLTPVAIQAGRYLARRLFAGATELTDYSNVATTVFTPLEY
GACGLSEEDAIEKYGDKDIEVYHSNFKPLEWTVAHREDNVCYMKLVCRKSDNMRVLGLHVLGPNAGEITQGYAVAIKMGA
TKADFDRTIGIHPTCSETFTTLHVTKKSGVSPIVSGC
;
_entity_poly.pdbx_strand_id   A,B
#
# COMPACT_ATOMS: atom_id res chain seq x y z
N GLY A 7 7.62 7.62 26.13
CA GLY A 7 8.64 8.59 26.49
C GLY A 7 9.75 8.64 25.45
N THR A 8 10.74 7.75 25.60
CA THR A 8 11.73 7.60 24.53
C THR A 8 11.07 7.14 23.24
N SER A 9 10.05 6.27 23.35
CA SER A 9 9.48 5.66 22.16
C SER A 9 8.68 6.66 21.34
N GLN A 10 7.98 7.59 22.01
CA GLN A 10 7.18 8.58 21.27
C GLN A 10 8.09 9.54 20.50
N TRP A 11 9.24 9.90 21.07
CA TRP A 11 10.19 10.73 20.36
C TRP A 11 10.66 10.03 19.08
N LEU A 12 11.08 8.75 19.21
CA LEU A 12 11.55 8.02 18.04
C LEU A 12 10.51 7.98 16.95
N ARG A 13 9.25 7.72 17.32
CA ARG A 13 8.18 7.65 16.34
C ARG A 13 8.02 8.97 15.59
N LYS A 14 8.08 10.09 16.32
CA LYS A 14 7.97 11.39 15.65
C LYS A 14 9.19 11.68 14.80
N THR A 15 10.39 11.41 15.32
CA THR A 15 11.62 11.65 14.55
C THR A 15 11.60 10.86 13.25
N VAL A 16 11.29 9.56 13.32
CA VAL A 16 11.32 8.74 12.10
C VAL A 16 10.25 9.18 11.10
N ASP A 17 9.11 9.66 11.58
CA ASP A 17 7.99 9.96 10.68
C ASP A 17 8.29 11.14 9.75
N SER A 18 8.85 12.25 10.27
CA SER A 18 9.05 13.45 9.45
C SER A 18 10.47 13.64 8.96
N ALA A 19 11.47 12.98 9.53
CA ALA A 19 12.81 13.07 8.97
C ALA A 19 12.76 12.65 7.50
N ALA A 20 13.50 13.39 6.66
CA ALA A 20 13.53 13.05 5.24
C ALA A 20 14.51 11.91 4.96
N VAL A 21 15.73 12.04 5.47
CA VAL A 21 16.79 11.04 5.35
C VAL A 21 17.57 11.07 6.65
N ILE A 22 17.61 9.95 7.38
CA ILE A 22 18.24 9.94 8.69
C ILE A 22 18.94 8.60 8.92
N LEU A 23 20.10 8.66 9.56
CA LEU A 23 20.94 7.49 9.78
C LEU A 23 21.18 7.35 11.28
N PHE A 24 20.77 6.21 11.84
CA PHE A 24 21.05 5.88 13.24
C PHE A 24 22.37 5.13 13.29
N SER A 25 23.27 5.58 14.17
CA SER A 25 24.67 5.30 14.02
C SER A 25 25.34 5.27 15.40
N LYS A 26 26.55 4.74 15.43
CA LYS A 26 27.45 4.88 16.58
C LYS A 26 28.80 5.37 16.08
N THR A 27 29.40 6.30 16.83
CA THR A 27 30.64 6.94 16.38
C THR A 27 31.80 5.97 16.30
N THR A 28 31.68 4.80 16.92
CA THR A 28 32.75 3.82 16.96
C THR A 28 32.68 2.81 15.80
N CYS A 29 31.50 2.61 15.20
CA CYS A 29 31.25 1.47 14.33
C CYS A 29 31.82 1.71 12.92
N PRO A 30 32.63 0.78 12.40
CA PRO A 30 33.16 0.95 11.03
C PRO A 30 32.15 0.64 9.93
N TYR A 31 31.09 -0.13 10.21
CA TYR A 31 30.02 -0.26 9.22
C TYR A 31 29.25 1.06 9.10
N CYS A 32 29.05 1.77 10.21
CA CYS A 32 28.46 3.09 10.16
C CYS A 32 29.30 4.03 9.29
N LYS A 33 30.61 4.05 9.50
CA LYS A 33 31.48 4.88 8.69
C LYS A 33 31.42 4.47 7.21
N LYS A 34 31.34 3.16 6.95
CA LYS A 34 31.19 2.69 5.57
C LYS A 34 29.92 3.24 4.94
N VAL A 35 28.81 3.26 5.70
CA VAL A 35 27.58 3.80 5.14
C VAL A 35 27.68 5.32 4.98
N LYS A 36 28.23 6.00 5.97
CA LYS A 36 28.42 7.45 5.85
C LYS A 36 29.19 7.80 4.59
N ASP A 37 30.24 7.02 4.31
CA ASP A 37 31.11 7.28 3.16
C ASP A 37 30.37 7.14 1.84
N VAL A 38 29.57 6.08 1.68
CA VAL A 38 28.81 5.93 0.44
C VAL A 38 27.79 7.06 0.29
N LEU A 39 27.27 7.58 1.40
CA LEU A 39 26.11 8.48 1.34
C LEU A 39 26.46 9.81 0.67
N ALA A 40 27.51 10.49 1.12
CA ALA A 40 27.81 11.77 0.49
C ALA A 40 28.73 11.63 -0.71
N GLU A 41 29.32 10.46 -0.95
CA GLU A 41 29.93 10.23 -2.26
C GLU A 41 28.86 10.33 -3.34
N ALA A 42 27.69 9.75 -3.09
CA ALA A 42 26.54 9.90 -3.97
C ALA A 42 25.83 11.23 -3.78
N LYS A 43 26.39 12.12 -2.95
CA LYS A 43 25.86 13.46 -2.73
C LYS A 43 24.45 13.42 -2.14
N ILE A 44 24.25 12.53 -1.17
CA ILE A 44 22.99 12.41 -0.44
C ILE A 44 23.20 13.08 0.92
N LYS A 45 22.49 14.19 1.15
CA LYS A 45 22.50 14.87 2.44
C LYS A 45 21.55 14.17 3.40
N HIS A 46 21.90 14.17 4.69
CA HIS A 46 21.08 13.46 5.66
C HIS A 46 21.40 13.88 7.09
N ALA A 47 20.43 13.64 7.98
CA ALA A 47 20.63 13.77 9.40
C ALA A 47 21.25 12.50 9.97
N THR A 48 21.97 12.66 11.08
CA THR A 48 22.64 11.54 11.73
C THR A 48 22.44 11.65 13.23
N ILE A 49 22.15 10.53 13.88
CA ILE A 49 22.01 10.49 15.32
C ILE A 49 22.94 9.42 15.88
N GLU A 50 23.96 9.84 16.63
CA GLU A 50 24.95 8.91 17.18
C GLU A 50 24.47 8.42 18.55
N LEU A 51 23.94 7.18 18.57
CA LEU A 51 23.30 6.65 19.76
C LEU A 51 24.26 6.54 20.94
N ASP A 52 25.55 6.34 20.68
CA ASP A 52 26.53 6.26 21.77
C ASP A 52 26.82 7.60 22.43
N GLN A 53 26.15 8.68 22.01
CA GLN A 53 26.33 9.99 22.62
C GLN A 53 25.08 10.49 23.32
N LEU A 54 24.06 9.65 23.47
CA LEU A 54 22.87 10.03 24.22
C LEU A 54 22.78 9.19 25.48
N SER A 55 22.08 9.71 26.49
CA SER A 55 21.97 8.98 27.74
C SER A 55 21.11 7.73 27.58
N ASN A 56 20.09 7.77 26.73
CA ASN A 56 19.18 6.64 26.57
C ASN A 56 19.32 5.99 25.19
N GLY A 57 20.56 5.81 24.73
CA GLY A 57 20.76 5.20 23.42
C GLY A 57 20.33 3.75 23.37
N SER A 58 20.68 2.98 24.41
CA SER A 58 20.27 1.58 24.49
C SER A 58 18.76 1.43 24.39
N ALA A 59 18.01 2.39 24.95
CA ALA A 59 16.56 2.37 24.82
C ALA A 59 16.11 2.65 23.39
N ILE A 60 16.73 3.64 22.73
CA ILE A 60 16.38 3.95 21.35
C ILE A 60 16.69 2.76 20.45
N GLN A 61 17.88 2.19 20.61
CA GLN A 61 18.28 1.02 19.83
C GLN A 61 17.22 -0.08 19.91
N LYS A 62 16.72 -0.34 21.11
CA LYS A 62 15.61 -1.28 21.28
C LYS A 62 14.37 -0.81 20.52
N CYS A 63 14.04 0.49 20.65
CA CYS A 63 12.80 1.00 20.06
C CYS A 63 12.84 0.98 18.55
N LEU A 64 14.03 1.07 17.95
CA LEU A 64 14.13 1.05 16.49
C LEU A 64 13.53 -0.21 15.90
N ALA A 65 13.60 -1.34 16.64
CA ALA A 65 13.13 -2.60 16.09
C ALA A 65 11.63 -2.55 15.78
N SER A 66 10.87 -1.69 16.46
CA SER A 66 9.45 -1.48 16.17
C SER A 66 9.20 -1.07 14.72
N PHE A 67 10.19 -0.49 14.05
CA PHE A 67 10.08 -0.12 12.65
C PHE A 67 10.85 -1.05 11.72
N SER A 68 12.00 -1.57 12.13
CA SER A 68 12.93 -2.24 11.23
C SER A 68 13.05 -3.74 11.45
N LYS A 69 12.57 -4.25 12.59
CA LYS A 69 12.69 -5.62 13.08
C LYS A 69 14.09 -5.97 13.53
N ILE A 70 15.08 -5.06 13.39
CA ILE A 70 16.44 -5.29 13.83
C ILE A 70 16.78 -4.31 14.95
N GLU A 71 17.86 -4.59 15.68
CA GLU A 71 18.28 -3.77 16.83
C GLU A 71 19.72 -3.26 16.74
N THR A 72 20.38 -3.40 15.59
CA THR A 72 21.77 -3.03 15.44
C THR A 72 21.91 -1.66 14.75
N VAL A 73 23.14 -1.19 14.63
CA VAL A 73 23.46 0.01 13.85
C VAL A 73 24.43 -0.38 12.74
N PRO A 74 24.39 0.27 11.57
CA PRO A 74 23.55 1.40 11.14
C PRO A 74 22.14 1.03 10.69
N GLN A 75 21.19 1.95 10.87
CA GLN A 75 19.85 1.82 10.31
C GLN A 75 19.49 3.12 9.59
N MET A 76 19.09 2.98 8.32
CA MET A 76 18.84 4.11 7.41
C MET A 76 17.35 4.21 7.14
N PHE A 77 16.80 5.43 7.25
CA PHE A 77 15.39 5.67 6.98
C PHE A 77 15.22 6.79 5.95
N VAL A 78 14.20 6.64 5.09
CA VAL A 78 13.82 7.67 4.14
C VAL A 78 12.32 7.91 4.30
N ARG A 79 11.97 9.13 4.70
CA ARG A 79 10.57 9.57 4.80
C ARG A 79 9.71 8.54 5.55
N GLY A 80 10.17 8.16 6.74
CA GLY A 80 9.41 7.28 7.61
C GLY A 80 9.39 5.81 7.25
N LYS A 81 10.32 5.34 6.42
CA LYS A 81 10.35 3.95 5.96
C LYS A 81 11.77 3.41 6.09
N PHE A 82 11.90 2.25 6.72
CA PHE A 82 13.21 1.63 6.90
C PHE A 82 13.75 1.19 5.54
N ILE A 83 15.02 1.51 5.26
CA ILE A 83 15.65 1.20 3.99
C ILE A 83 16.63 0.04 4.09
N GLY A 84 17.48 0.01 5.12
CA GLY A 84 18.36 -1.14 5.25
C GLY A 84 19.43 -0.95 6.28
N ASP A 85 20.16 -2.04 6.49
CA ASP A 85 21.38 -2.04 7.29
C ASP A 85 22.56 -1.76 6.35
N SER A 86 23.78 -2.04 6.80
CA SER A 86 24.96 -1.80 5.95
C SER A 86 24.89 -2.59 4.64
N GLN A 87 24.69 -3.91 4.72
CA GLN A 87 24.70 -4.74 3.51
C GLN A 87 23.65 -4.26 2.51
N THR A 88 22.48 -3.83 3.01
CA THR A 88 21.37 -3.50 2.13
C THR A 88 21.61 -2.18 1.40
N VAL A 89 22.15 -1.18 2.10
CA VAL A 89 22.45 0.10 1.47
C VAL A 89 23.50 -0.08 0.38
N LEU A 90 24.57 -0.83 0.69
CA LEU A 90 25.64 -1.05 -0.27
C LEU A 90 25.12 -1.77 -1.51
N LYS A 91 24.20 -2.73 -1.32
CA LYS A 91 23.57 -3.42 -2.43
C LYS A 91 22.78 -2.46 -3.30
N TYR A 92 22.09 -1.50 -2.69
CA TYR A 92 21.36 -0.51 -3.47
C TYR A 92 22.30 0.42 -4.23
N TYR A 93 23.41 0.82 -3.60
CA TYR A 93 24.40 1.64 -4.26
C TYR A 93 24.93 0.98 -5.52
N SER A 94 25.58 -0.18 -5.37
CA SER A 94 26.28 -0.79 -6.50
C SER A 94 25.33 -1.35 -7.54
N ASN A 95 24.03 -1.41 -7.26
CA ASN A 95 23.03 -1.78 -8.26
C ASN A 95 22.38 -0.55 -8.88
N ASP A 96 22.88 0.65 -8.54
CA ASP A 96 22.37 1.91 -9.09
C ASP A 96 20.90 2.16 -8.71
N GLU A 97 20.47 1.60 -7.57
CA GLU A 97 19.11 1.77 -7.12
C GLU A 97 18.98 2.85 -6.04
N LEU A 98 20.09 3.28 -5.45
CA LEU A 98 20.05 4.15 -4.27
C LEU A 98 19.47 5.54 -4.58
N ALA A 99 19.78 6.08 -5.76
CA ALA A 99 19.35 7.45 -6.05
C ALA A 99 17.82 7.56 -6.10
N GLY A 100 17.15 6.57 -6.69
CA GLY A 100 15.70 6.65 -6.78
C GLY A 100 15.00 6.33 -5.47
N ILE A 101 15.65 5.55 -4.61
CA ILE A 101 15.08 5.27 -3.29
C ILE A 101 14.98 6.55 -2.47
N VAL A 102 16.03 7.37 -2.51
CA VAL A 102 16.07 8.55 -1.64
C VAL A 102 15.20 9.69 -2.16
N ASN A 103 14.89 9.71 -3.45
CA ASN A 103 14.06 10.76 -4.04
C ASN A 103 12.61 10.33 -4.23
N GLU A 104 12.19 9.21 -3.65
CA GLU A 104 10.79 8.79 -3.73
C GLU A 104 9.97 9.55 -2.69
N SER A 105 8.89 10.20 -3.14
CA SER A 105 8.10 11.03 -2.23
C SER A 105 6.66 11.16 -2.70
N LYS A 106 5.74 11.12 -1.73
CA LYS A 106 4.34 11.44 -1.99
C LYS A 106 4.19 12.84 -2.58
N TYR A 107 5.06 13.76 -2.23
CA TYR A 107 4.96 15.16 -2.62
C TYR A 107 6.19 15.58 -3.42
N ASP A 108 6.13 16.77 -4.02
CA ASP A 108 7.29 17.33 -4.73
C ASP A 108 8.37 17.76 -3.76
N TYR A 109 7.97 18.29 -2.61
CA TYR A 109 8.88 18.90 -1.66
C TYR A 109 8.63 18.37 -0.26
N ASP A 110 9.71 18.13 0.48
CA ASP A 110 9.56 17.83 1.89
C ASP A 110 9.10 19.06 2.67
N LEU A 111 9.42 20.25 2.17
CA LEU A 111 9.12 21.50 2.85
C LEU A 111 8.93 22.61 1.82
N ILE A 112 7.78 23.27 1.89
CA ILE A 112 7.56 24.51 1.16
C ILE A 112 7.58 25.64 2.18
N VAL A 113 8.42 26.65 1.93
CA VAL A 113 8.47 27.87 2.74
C VAL A 113 7.79 28.99 1.96
N ILE A 114 6.71 29.54 2.49
CA ILE A 114 6.06 30.69 1.86
C ILE A 114 6.61 31.96 2.50
N GLY A 115 7.35 32.74 1.73
CA GLY A 115 7.93 34.00 2.19
C GLY A 115 9.43 33.95 2.37
N GLY A 116 10.17 34.76 1.61
CA GLY A 116 11.63 34.70 1.61
C GLY A 116 12.34 35.77 2.42
N GLY A 117 11.99 35.86 3.71
CA GLY A 117 12.55 36.83 4.62
C GLY A 117 13.42 36.21 5.70
N SER A 118 13.54 36.93 6.81
CA SER A 118 14.46 36.52 7.87
C SER A 118 14.15 35.09 8.34
N GLY A 119 12.87 34.81 8.63
CA GLY A 119 12.52 33.50 9.14
C GLY A 119 12.62 32.42 8.08
N GLY A 120 12.00 32.66 6.92
CA GLY A 120 11.87 31.62 5.92
C GLY A 120 13.18 31.25 5.27
N LEU A 121 14.04 32.25 5.02
CA LEU A 121 15.37 31.93 4.53
C LEU A 121 16.15 31.08 5.54
N ALA A 122 16.03 31.40 6.83
CA ALA A 122 16.73 30.61 7.83
C ALA A 122 16.18 29.19 7.90
N ALA A 123 14.85 29.05 7.86
CA ALA A 123 14.24 27.73 7.88
C ALA A 123 14.68 26.88 6.69
N GLY A 124 14.53 27.42 5.48
CA GLY A 124 14.91 26.68 4.29
C GLY A 124 16.34 26.14 4.34
N LYS A 125 17.31 27.03 4.57
CA LYS A 125 18.71 26.61 4.57
C LYS A 125 18.99 25.54 5.62
N GLU A 126 18.42 25.70 6.83
CA GLU A 126 18.70 24.71 7.87
C GLU A 126 18.12 23.34 7.51
N ALA A 127 16.90 23.32 6.95
CA ALA A 127 16.25 22.06 6.62
C ALA A 127 16.97 21.34 5.49
N ALA A 128 17.50 22.07 4.52
CA ALA A 128 18.15 21.44 3.39
C ALA A 128 19.40 20.69 3.81
N LYS A 129 20.03 21.12 4.91
CA LYS A 129 21.28 20.50 5.32
C LYS A 129 21.10 19.08 5.81
N TYR A 130 19.86 18.67 6.14
CA TYR A 130 19.56 17.31 6.57
C TYR A 130 18.81 16.52 5.50
N GLY A 131 18.94 16.91 4.23
CA GLY A 131 18.38 16.12 3.16
C GLY A 131 16.93 16.37 2.84
N ALA A 132 16.30 17.38 3.45
CA ALA A 132 14.94 17.72 3.08
C ALA A 132 14.93 18.43 1.72
N LYS A 133 14.01 18.03 0.86
CA LYS A 133 13.87 18.66 -0.45
C LYS A 133 13.00 19.90 -0.30
N THR A 134 13.57 21.08 -0.57
CA THR A 134 13.04 22.34 -0.04
C THR A 134 12.81 23.37 -1.14
N ALA A 135 11.65 24.04 -1.08
CA ALA A 135 11.33 25.16 -1.97
C ALA A 135 11.03 26.42 -1.15
N VAL A 136 11.62 27.54 -1.57
CA VAL A 136 11.40 28.84 -0.94
C VAL A 136 10.75 29.79 -1.95
N LEU A 137 9.64 30.39 -1.57
CA LEU A 137 8.86 31.30 -2.41
C LEU A 137 8.95 32.71 -1.83
N ASP A 138 9.27 33.71 -2.65
CA ASP A 138 9.24 35.11 -2.24
C ASP A 138 8.75 36.00 -3.39
N TYR A 139 7.78 36.86 -3.08
CA TYR A 139 7.27 37.88 -3.98
C TYR A 139 7.12 39.16 -3.16
N VAL A 140 7.38 40.30 -3.79
CA VAL A 140 7.33 41.59 -3.10
C VAL A 140 6.28 42.45 -3.80
N GLU A 141 5.09 42.49 -3.23
CA GLU A 141 4.04 43.35 -3.76
C GLU A 141 4.50 44.81 -3.73
N PRO A 142 4.37 45.55 -4.82
CA PRO A 142 4.82 46.96 -4.82
C PRO A 142 4.02 47.84 -3.86
N THR A 143 4.68 48.89 -3.38
CA THR A 143 4.01 49.93 -2.61
C THR A 143 3.02 50.69 -3.51
N PRO A 144 2.23 51.62 -2.93
CA PRO A 144 1.33 52.43 -3.77
C PRO A 144 2.03 53.20 -4.87
N ILE A 145 3.24 53.72 -4.64
CA ILE A 145 3.96 54.41 -5.72
C ILE A 145 4.72 53.47 -6.63
N GLY A 146 4.74 52.17 -6.33
CA GLY A 146 5.45 51.21 -7.17
C GLY A 146 6.79 50.71 -6.66
N THR A 147 7.19 51.07 -5.44
CA THR A 147 8.50 50.68 -4.95
C THR A 147 8.57 49.17 -4.74
N THR A 148 9.66 48.56 -5.20
CA THR A 148 9.85 47.13 -5.11
C THR A 148 11.31 46.83 -4.75
N TRP A 149 11.62 45.57 -4.44
CA TRP A 149 12.97 45.19 -4.00
C TRP A 149 13.14 43.68 -4.11
N GLY A 150 14.34 43.18 -3.75
CA GLY A 150 14.72 41.81 -4.00
C GLY A 150 14.67 40.90 -2.77
N LEU A 151 15.18 39.69 -2.97
CA LEU A 151 15.09 38.65 -1.95
C LEU A 151 15.79 39.07 -0.65
N GLY A 152 15.21 38.64 0.48
CA GLY A 152 15.78 38.95 1.78
C GLY A 152 14.81 39.38 2.87
N GLY A 153 13.68 39.99 2.50
CA GLY A 153 12.64 40.33 3.45
C GLY A 153 12.68 41.77 3.93
N THR A 154 11.90 42.04 4.97
CA THR A 154 11.68 43.41 5.42
C THR A 154 12.94 44.02 6.03
N CYS A 155 13.62 43.26 6.91
CA CYS A 155 14.82 43.78 7.57
C CYS A 155 15.92 44.11 6.55
N VAL A 156 16.28 43.16 5.69
CA VAL A 156 17.38 43.34 4.73
C VAL A 156 17.12 44.53 3.81
N ASN A 157 15.90 44.67 3.28
CA ASN A 157 15.62 45.67 2.23
C ASN A 157 15.10 47.01 2.75
N VAL A 158 14.16 47.02 3.71
CA VAL A 158 13.44 48.24 4.07
C VAL A 158 13.23 48.32 5.59
N GLY A 159 14.14 47.71 6.34
CA GLY A 159 14.00 47.57 7.78
C GLY A 159 15.32 47.78 8.48
N CYS A 160 15.80 46.79 9.28
CA CYS A 160 16.94 47.04 10.18
C CYS A 160 18.16 47.55 9.43
N ILE A 161 18.52 46.92 8.32
CA ILE A 161 19.83 47.13 7.70
C ILE A 161 19.94 48.55 7.13
N PRO A 162 19.10 48.99 6.18
CA PRO A 162 19.22 50.40 5.72
C PRO A 162 18.99 51.41 6.84
N LYS A 163 18.09 51.09 7.78
CA LYS A 163 17.78 52.05 8.84
C LYS A 163 19.00 52.30 9.72
N LYS A 164 19.76 51.25 10.05
CA LYS A 164 20.94 51.46 10.89
C LYS A 164 22.05 52.20 10.14
N LEU A 165 22.17 51.98 8.83
CA LEU A 165 23.21 52.66 8.07
C LEU A 165 22.89 54.14 7.93
N MET A 166 21.60 54.47 7.78
CA MET A 166 21.18 55.87 7.77
C MET A 166 21.42 56.48 9.15
N HIS A 167 21.13 55.72 10.22
CA HIS A 167 21.45 56.16 11.59
C HIS A 167 22.94 56.50 11.71
N GLN A 168 23.79 55.67 11.12
CA GLN A 168 25.23 55.89 11.22
C GLN A 168 25.65 57.16 10.48
N ALA A 169 25.12 57.41 9.29
CA ALA A 169 25.38 58.68 8.62
C ALA A 169 25.00 59.86 9.51
N GLY A 170 23.92 59.72 10.27
CA GLY A 170 23.54 60.78 11.22
C GLY A 170 24.48 60.86 12.41
N LEU A 171 24.95 59.71 12.91
CA LEU A 171 25.92 59.73 14.01
C LEU A 171 27.22 60.39 13.60
N LEU A 172 27.61 60.22 12.33
CA LEU A 172 28.84 60.84 11.85
C LEU A 172 28.77 62.36 11.83
N SER A 173 27.56 62.94 11.88
CA SER A 173 27.41 64.40 11.97
C SER A 173 28.09 64.94 13.22
N HIS A 174 27.79 64.32 14.37
CA HIS A 174 28.34 64.78 15.64
C HIS A 174 29.81 64.41 15.78
N ALA A 175 30.25 63.34 15.13
CA ALA A 175 31.68 63.02 15.10
C ALA A 175 32.49 64.11 14.40
N LEU A 176 31.95 64.71 13.34
CA LEU A 176 32.62 65.85 12.70
C LEU A 176 32.70 67.05 13.63
N GLU A 177 31.63 67.31 14.40
CA GLU A 177 31.72 68.34 15.43
C GLU A 177 32.76 67.97 16.48
N ASP A 178 32.63 66.77 17.05
CA ASP A 178 33.53 66.34 18.12
C ASP A 178 35.00 66.43 17.70
N ALA A 179 35.28 66.27 16.39
CA ALA A 179 36.66 66.22 15.91
C ALA A 179 37.41 67.52 16.18
N GLU A 180 36.72 68.66 16.06
CA GLU A 180 37.39 69.94 16.26
C GLU A 180 38.01 70.01 17.66
N HIS A 181 37.21 69.67 18.68
CA HIS A 181 37.68 69.76 20.07
C HIS A 181 38.84 68.81 20.33
N PHE A 182 38.92 67.70 19.60
CA PHE A 182 40.02 66.77 19.77
C PHE A 182 41.24 67.14 18.93
N GLY A 183 41.24 68.32 18.28
CA GLY A 183 42.41 68.83 17.59
C GLY A 183 42.41 68.73 16.09
N TRP A 184 41.33 68.29 15.45
CA TRP A 184 41.31 68.20 13.99
C TRP A 184 40.87 69.52 13.38
N SER A 185 41.51 69.89 12.25
CA SER A 185 41.45 71.23 11.68
C SER A 185 40.16 71.56 10.90
N LEU A 186 39.30 70.58 10.62
CA LEU A 186 38.09 70.86 9.83
C LEU A 186 37.17 71.88 10.52
N ASP A 187 36.32 72.52 9.70
CA ASP A 187 35.23 73.39 10.19
C ASP A 187 33.91 72.73 9.84
N ARG A 188 33.24 72.16 10.86
CA ARG A 188 31.97 71.47 10.66
C ARG A 188 30.93 72.35 9.98
N SER A 189 30.97 73.67 10.24
CA SER A 189 29.97 74.59 9.70
C SER A 189 30.05 74.72 8.18
N LYS A 190 31.17 74.36 7.57
CA LYS A 190 31.35 74.46 6.12
C LYS A 190 31.09 73.14 5.39
N ILE A 191 30.41 72.18 6.02
CA ILE A 191 30.27 70.82 5.51
C ILE A 191 28.78 70.46 5.41
N SER A 192 28.39 69.84 4.32
CA SER A 192 27.00 69.46 4.10
C SER A 192 26.91 67.99 3.73
N HIS A 193 25.69 67.47 3.71
CA HIS A 193 25.40 66.07 3.40
C HIS A 193 24.68 65.96 2.05
N ASN A 194 25.05 64.94 1.26
CA ASN A 194 24.41 64.63 -0.04
C ASN A 194 23.57 63.37 0.12
N TRP A 195 22.25 63.52 0.14
CA TRP A 195 21.35 62.39 0.39
C TRP A 195 21.50 61.30 -0.67
N SER A 196 21.40 61.66 -1.93
CA SER A 196 21.36 60.61 -2.95
C SER A 196 22.67 59.80 -2.97
N THR A 197 23.81 60.43 -2.62
CA THR A 197 25.08 59.70 -2.50
C THR A 197 25.02 58.68 -1.37
N MET A 198 24.37 59.02 -0.26
CA MET A 198 24.14 58.04 0.81
C MET A 198 23.29 56.88 0.31
N VAL A 199 22.16 57.19 -0.33
CA VAL A 199 21.22 56.14 -0.75
C VAL A 199 21.88 55.17 -1.71
N GLU A 200 22.73 55.69 -2.61
CA GLU A 200 23.40 54.77 -3.52
C GLU A 200 24.28 53.79 -2.78
N GLY A 201 24.99 54.24 -1.73
CA GLY A 201 25.86 53.34 -0.99
C GLY A 201 25.11 52.31 -0.17
N VAL A 202 24.05 52.76 0.52
CA VAL A 202 23.15 51.85 1.24
C VAL A 202 22.56 50.81 0.28
N GLN A 203 22.04 51.26 -0.87
CA GLN A 203 21.42 50.33 -1.80
C GLN A 203 22.44 49.38 -2.43
N SER A 204 23.69 49.80 -2.56
CA SER A 204 24.68 48.90 -3.11
C SER A 204 24.96 47.76 -2.14
N HIS A 205 24.90 48.05 -0.83
CA HIS A 205 25.04 46.96 0.12
C HIS A 205 23.82 46.04 0.06
N ILE A 206 22.61 46.61 0.06
CA ILE A 206 21.40 45.80 0.03
C ILE A 206 21.41 44.90 -1.20
N GLY A 207 21.88 45.44 -2.33
CA GLY A 207 22.01 44.64 -3.53
C GLY A 207 22.89 43.42 -3.32
N SER A 208 24.01 43.60 -2.63
CA SER A 208 24.88 42.46 -2.37
C SER A 208 24.29 41.50 -1.32
N LEU A 209 23.32 41.93 -0.52
CA LEU A 209 22.60 40.93 0.27
C LEU A 209 21.55 40.16 -0.56
N ASN A 210 20.79 40.85 -1.42
CA ASN A 210 19.96 40.15 -2.40
C ASN A 210 20.74 39.02 -3.07
N TRP A 211 21.97 39.34 -3.52
CA TRP A 211 22.73 38.38 -4.31
C TRP A 211 23.28 37.25 -3.45
N GLY A 212 23.81 37.58 -2.28
CA GLY A 212 24.29 36.53 -1.38
C GLY A 212 23.25 35.47 -1.10
N TYR A 213 22.04 35.90 -0.71
CA TYR A 213 20.98 34.96 -0.38
C TYR A 213 20.61 34.05 -1.57
N LYS A 214 20.63 34.57 -2.79
CA LYS A 214 20.39 33.72 -3.95
C LYS A 214 21.51 32.69 -4.11
N VAL A 215 22.76 33.13 -3.99
CA VAL A 215 23.88 32.19 -3.98
C VAL A 215 23.69 31.14 -2.89
N ALA A 216 23.28 31.58 -1.69
CA ALA A 216 23.15 30.65 -0.57
C ALA A 216 22.10 29.57 -0.83
N LEU A 217 20.96 29.93 -1.42
CA LEU A 217 19.96 28.91 -1.69
C LEU A 217 20.46 27.92 -2.75
N ARG A 218 21.12 28.43 -3.79
CA ARG A 218 21.63 27.54 -4.83
C ARG A 218 22.64 26.56 -4.25
N ASP A 219 23.56 27.05 -3.41
CA ASP A 219 24.61 26.17 -2.87
C ASP A 219 24.07 25.17 -1.86
N ASN A 220 22.88 25.38 -1.30
CA ASN A 220 22.21 24.40 -0.45
C ASN A 220 21.18 23.57 -1.21
N GLN A 221 21.14 23.69 -2.54
CA GLN A 221 20.21 22.93 -3.38
C GLN A 221 18.75 23.27 -3.09
N VAL A 222 18.47 24.46 -2.57
CA VAL A 222 17.09 24.90 -2.39
C VAL A 222 16.56 25.47 -3.70
N THR A 223 15.31 25.13 -4.03
CA THR A 223 14.63 25.73 -5.17
C THR A 223 14.07 27.10 -4.76
N TYR A 224 14.35 28.12 -5.57
CA TYR A 224 13.87 29.47 -5.30
C TYR A 224 12.90 29.89 -6.41
N LEU A 225 11.65 30.09 -6.06
CA LEU A 225 10.63 30.58 -6.98
C LEU A 225 10.26 32.01 -6.58
N ASN A 226 10.55 32.97 -7.47
CA ASN A 226 10.13 34.36 -7.27
C ASN A 226 8.68 34.45 -7.76
N ALA A 227 7.76 34.05 -6.88
CA ALA A 227 6.35 33.99 -7.24
C ALA A 227 5.50 34.08 -5.97
N LYS A 228 4.23 34.45 -6.16
CA LYS A 228 3.29 34.56 -5.04
C LYS A 228 2.70 33.21 -4.72
N GLY A 229 2.64 32.89 -3.43
CA GLY A 229 2.18 31.60 -2.96
C GLY A 229 0.87 31.72 -2.19
N ARG A 230 0.02 30.71 -2.33
CA ARG A 230 -1.28 30.69 -1.65
C ARG A 230 -1.62 29.27 -1.24
N LEU A 231 -1.72 29.04 0.07
CA LEU A 231 -2.05 27.71 0.57
C LEU A 231 -3.54 27.45 0.35
N ILE A 232 -3.87 26.42 -0.44
CA ILE A 232 -5.25 26.08 -0.74
C ILE A 232 -5.72 24.81 -0.05
N SER A 233 -4.81 23.92 0.33
CA SER A 233 -5.15 22.78 1.19
C SER A 233 -3.91 22.46 2.00
N PRO A 234 -4.05 21.60 3.04
CA PRO A 234 -2.89 21.24 3.87
C PRO A 234 -1.58 20.98 3.14
N HIS A 235 -1.62 20.38 1.95
CA HIS A 235 -0.41 20.03 1.22
C HIS A 235 -0.28 20.73 -0.14
N GLU A 236 -1.17 21.66 -0.49
CA GLU A 236 -1.18 22.23 -1.84
C GLU A 236 -0.97 23.73 -1.80
N VAL A 237 0.04 24.21 -2.52
CA VAL A 237 0.36 25.63 -2.61
C VAL A 237 0.22 26.07 -4.05
N GLN A 238 -0.58 27.09 -4.27
CA GLN A 238 -0.82 27.64 -5.59
C GLN A 238 0.11 28.83 -5.80
N ILE A 239 0.79 28.85 -6.94
CA ILE A 239 1.81 29.85 -7.24
C ILE A 239 1.44 30.61 -8.51
N THR A 240 1.74 31.90 -8.52
CA THR A 240 1.53 32.77 -9.68
C THR A 240 2.84 33.46 -10.01
N ASP A 241 3.38 33.22 -11.21
CA ASP A 241 4.67 33.79 -11.57
C ASP A 241 4.51 35.19 -12.15
N LYS A 242 5.61 35.75 -12.68
CA LYS A 242 5.63 37.13 -13.15
C LYS A 242 4.81 37.32 -14.43
N ASN A 243 4.53 36.24 -15.16
CA ASN A 243 3.67 36.29 -16.33
C ASN A 243 2.22 35.91 -16.02
N GLN A 244 1.86 35.86 -14.74
CA GLN A 244 0.52 35.49 -14.28
C GLN A 244 0.14 34.04 -14.62
N LYS A 245 1.13 33.20 -14.90
CA LYS A 245 0.90 31.76 -15.05
C LYS A 245 0.71 31.10 -13.67
N VAL A 246 -0.35 30.30 -13.54
CA VAL A 246 -0.75 29.72 -12.26
C VAL A 246 -0.54 28.21 -12.30
N SER A 247 -0.09 27.64 -11.19
CA SER A 247 0.06 26.20 -11.07
C SER A 247 0.03 25.81 -9.59
N THR A 248 0.26 24.53 -9.31
CA THR A 248 0.16 23.97 -7.98
C THR A 248 1.39 23.11 -7.70
N ILE A 249 1.93 23.20 -6.47
CA ILE A 249 2.97 22.27 -6.04
C ILE A 249 2.59 21.73 -4.67
N THR A 250 3.05 20.53 -4.38
CA THR A 250 2.78 19.83 -3.13
C THR A 250 4.01 19.78 -2.25
N GLY A 251 3.77 19.82 -0.96
CA GLY A 251 4.84 19.71 0.02
C GLY A 251 4.33 19.00 1.25
N ASN A 252 5.22 18.26 1.91
CA ASN A 252 4.86 17.54 3.12
C ASN A 252 4.63 18.52 4.28
N LYS A 253 5.67 19.25 4.67
CA LYS A 253 5.55 20.30 5.67
C LYS A 253 5.50 21.67 4.99
N ILE A 254 4.72 22.57 5.56
CA ILE A 254 4.57 23.94 5.08
C ILE A 254 4.97 24.88 6.22
N ILE A 255 5.78 25.89 5.91
CA ILE A 255 6.14 26.94 6.88
C ILE A 255 5.68 28.30 6.34
N LEU A 256 4.78 28.95 7.07
CA LEU A 256 4.31 30.27 6.71
C LEU A 256 5.22 31.32 7.34
N ALA A 257 5.75 32.22 6.50
CA ALA A 257 6.69 33.24 6.97
C ALA A 257 6.62 34.47 6.07
N THR A 258 5.43 35.04 5.91
CA THR A 258 5.19 36.06 4.90
C THR A 258 5.25 37.49 5.41
N GLY A 259 5.58 37.71 6.70
CA GLY A 259 5.80 39.06 7.20
C GLY A 259 4.58 39.96 7.26
N GLU A 260 4.86 41.26 7.40
CA GLU A 260 3.83 42.31 7.47
C GLU A 260 4.19 43.42 6.48
N ARG A 261 3.32 44.42 6.37
CA ARG A 261 3.55 45.60 5.55
C ARG A 261 2.96 46.82 6.27
N PRO A 262 3.47 48.02 5.95
CA PRO A 262 3.01 49.23 6.67
C PRO A 262 1.52 49.49 6.53
N LYS A 263 0.97 50.17 7.52
CA LYS A 263 -0.43 50.60 7.54
C LYS A 263 -0.56 52.06 7.12
N TYR A 264 -1.71 52.41 6.53
CA TYR A 264 -2.11 53.79 6.23
C TYR A 264 -3.38 54.17 6.98
N PRO A 265 -3.46 55.39 7.52
CA PRO A 265 -4.70 55.82 8.17
C PRO A 265 -5.78 56.09 7.14
N GLU A 266 -7.04 55.89 7.56
CA GLU A 266 -8.17 55.97 6.64
C GLU A 266 -8.61 57.43 6.49
N ILE A 267 -7.79 58.19 5.79
CA ILE A 267 -8.04 59.62 5.59
C ILE A 267 -7.76 59.96 4.14
N PRO A 268 -8.38 61.04 3.63
CA PRO A 268 -8.11 61.45 2.25
C PRO A 268 -6.68 61.94 2.09
N GLY A 269 -6.07 61.55 0.97
CA GLY A 269 -4.74 61.98 0.61
C GLY A 269 -3.62 61.04 1.05
N ALA A 270 -3.86 60.15 2.01
CA ALA A 270 -2.76 59.41 2.64
C ALA A 270 -2.06 58.49 1.64
N VAL A 271 -2.80 57.54 1.07
CA VAL A 271 -2.23 56.62 0.09
C VAL A 271 -1.74 57.34 -1.15
N GLU A 272 -2.38 58.45 -1.50
CA GLU A 272 -2.07 59.12 -2.75
C GLU A 272 -0.80 59.97 -2.63
N TYR A 273 -0.61 60.65 -1.50
CA TYR A 273 0.44 61.66 -1.40
C TYR A 273 1.47 61.42 -0.30
N GLY A 274 1.20 60.56 0.69
CA GLY A 274 2.18 60.22 1.70
C GLY A 274 3.00 58.98 1.34
N ILE A 275 4.00 58.67 2.18
CA ILE A 275 4.86 57.50 1.97
C ILE A 275 5.07 56.78 3.30
N THR A 276 5.62 55.56 3.21
CA THR A 276 5.98 54.80 4.40
C THR A 276 7.47 54.50 4.40
N SER A 277 7.89 53.73 5.41
CA SER A 277 9.28 53.28 5.45
C SER A 277 9.62 52.39 4.25
N ASP A 278 8.64 51.68 3.68
CA ASP A 278 8.89 50.87 2.48
C ASP A 278 9.50 51.69 1.35
N ASP A 279 9.16 52.99 1.23
CA ASP A 279 9.74 53.85 0.20
C ASP A 279 10.90 54.70 0.68
N LEU A 280 10.99 55.01 1.97
CA LEU A 280 12.00 55.96 2.45
C LEU A 280 13.41 55.52 2.08
N PHE A 281 13.73 54.24 2.21
CA PHE A 281 15.13 53.83 2.13
C PHE A 281 15.70 53.76 0.72
N SER A 282 14.91 54.01 -0.33
CA SER A 282 15.47 54.12 -1.68
C SER A 282 14.91 55.35 -2.38
N LEU A 283 14.56 56.37 -1.63
CA LEU A 283 14.03 57.59 -2.20
C LEU A 283 15.07 58.28 -3.08
N PRO A 284 14.75 58.61 -4.32
CA PRO A 284 15.75 59.28 -5.18
C PRO A 284 16.04 60.74 -4.81
N TYR A 285 15.21 61.39 -3.98
CA TYR A 285 15.40 62.79 -3.55
C TYR A 285 15.37 62.86 -2.03
N PHE A 286 16.03 63.88 -1.49
CA PHE A 286 15.95 64.12 -0.04
C PHE A 286 14.53 64.56 0.32
N PRO A 287 13.96 64.02 1.40
CA PRO A 287 12.57 64.38 1.78
C PRO A 287 12.33 65.87 1.94
N GLY A 288 13.31 66.63 2.46
CA GLY A 288 13.12 68.02 2.78
C GLY A 288 12.21 68.15 4.00
N LYS A 289 11.53 69.28 4.11
CA LYS A 289 10.69 69.52 5.27
C LYS A 289 9.64 68.40 5.39
N THR A 290 9.74 67.63 6.47
CA THR A 290 9.09 66.34 6.61
C THR A 290 8.20 66.29 7.83
N LEU A 291 7.04 65.66 7.68
CA LEU A 291 6.16 65.34 8.78
C LEU A 291 6.12 63.83 8.95
N VAL A 292 6.45 63.35 10.15
CA VAL A 292 6.37 61.93 10.49
C VAL A 292 5.17 61.74 11.40
N ILE A 293 4.24 60.90 10.97
CA ILE A 293 2.99 60.68 11.68
C ILE A 293 3.07 59.32 12.34
N GLY A 294 3.06 59.31 13.67
CA GLY A 294 3.25 58.11 14.47
C GLY A 294 4.26 58.34 15.57
N ALA A 295 4.37 57.33 16.45
CA ALA A 295 5.35 57.44 17.54
C ALA A 295 5.96 56.10 17.94
N SER A 296 5.95 55.13 17.04
CA SER A 296 6.64 53.85 17.24
C SER A 296 8.16 54.05 17.18
N TYR A 297 8.92 52.96 17.36
CA TYR A 297 10.36 53.09 17.17
C TYR A 297 10.70 53.43 15.72
N VAL A 298 9.97 52.85 14.75
CA VAL A 298 10.13 53.24 13.35
C VAL A 298 10.00 54.74 13.18
N ALA A 299 8.93 55.32 13.73
CA ALA A 299 8.69 56.76 13.61
C ALA A 299 9.86 57.57 14.16
N LEU A 300 10.34 57.23 15.36
CA LEU A 300 11.37 58.06 16.01
C LEU A 300 12.75 57.86 15.39
N GLU A 301 13.11 56.62 15.06
CA GLU A 301 14.36 56.35 14.35
C GLU A 301 14.43 57.15 13.03
N CYS A 302 13.37 57.11 12.23
CA CYS A 302 13.41 57.82 10.94
C CYS A 302 13.44 59.33 11.15
N ALA A 303 12.58 59.86 12.03
CA ALA A 303 12.63 61.28 12.28
C ALA A 303 13.97 61.69 12.87
N GLY A 304 14.55 60.82 13.70
CA GLY A 304 15.87 61.00 14.28
C GLY A 304 16.99 61.26 13.28
N PHE A 305 17.29 60.32 12.38
CA PHE A 305 18.44 60.57 11.49
C PHE A 305 18.11 61.62 10.42
N LEU A 306 16.84 61.80 10.05
CA LEU A 306 16.54 62.87 9.09
C LEU A 306 16.97 64.22 9.64
N ALA A 307 16.85 64.42 10.96
CA ALA A 307 17.22 65.70 11.56
C ALA A 307 18.73 65.85 11.63
N SER A 308 19.43 64.78 12.02
CA SER A 308 20.90 64.77 12.05
C SER A 308 21.51 64.98 10.66
N LEU A 309 20.78 64.68 9.60
CA LEU A 309 21.29 64.93 8.26
C LEU A 309 21.02 66.35 7.76
N GLY A 310 20.22 67.14 8.48
CA GLY A 310 19.94 68.51 8.08
C GLY A 310 18.47 68.82 7.80
N GLY A 311 17.56 67.85 7.88
CA GLY A 311 16.16 68.11 7.62
C GLY A 311 15.46 68.92 8.72
N ASP A 312 14.38 69.57 8.28
CA ASP A 312 13.40 70.24 9.14
C ASP A 312 12.28 69.22 9.38
N VAL A 313 12.17 68.72 10.61
CA VAL A 313 11.43 67.49 10.89
C VAL A 313 10.43 67.69 12.03
N THR A 314 9.24 67.17 11.86
CA THR A 314 8.20 67.27 12.87
C THR A 314 7.53 65.91 13.06
N VAL A 315 7.26 65.55 14.31
CA VAL A 315 6.59 64.29 14.64
C VAL A 315 5.24 64.60 15.28
N MET A 316 4.18 64.01 14.73
CA MET A 316 2.81 64.26 15.20
C MET A 316 2.38 63.04 16.04
N VAL A 317 2.20 63.26 17.33
CA VAL A 317 2.04 62.18 18.32
C VAL A 317 0.57 62.11 18.73
N ARG A 318 -0.10 60.98 18.43
CA ARG A 318 -1.48 60.80 18.87
C ARG A 318 -1.60 60.85 20.39
N SER A 319 -0.82 60.02 21.11
CA SER A 319 -0.88 59.96 22.57
C SER A 319 0.50 59.95 23.22
N ILE A 320 1.20 58.82 23.22
CA ILE A 320 2.49 58.72 23.87
C ILE A 320 3.56 58.19 22.90
N LEU A 321 4.82 58.37 23.30
CA LEU A 321 5.96 57.80 22.59
C LEU A 321 6.19 56.36 23.04
N LEU A 322 6.52 55.50 22.08
CA LEU A 322 6.95 54.11 22.34
C LEU A 322 6.00 53.40 23.30
N ARG A 323 4.72 53.39 22.93
CA ARG A 323 3.74 52.61 23.66
C ARG A 323 4.21 51.17 23.79
N GLY A 324 4.22 50.65 25.02
CA GLY A 324 4.72 49.33 25.32
C GLY A 324 6.11 49.28 25.93
N PHE A 325 6.93 50.33 25.78
CA PHE A 325 8.20 50.42 26.49
C PHE A 325 8.04 51.23 27.79
N ASP A 326 9.00 51.06 28.70
CA ASP A 326 9.12 51.87 29.93
C ASP A 326 8.95 53.35 29.62
N GLN A 327 7.99 54.00 30.27
CA GLN A 327 7.59 55.33 29.82
C GLN A 327 8.51 56.44 30.31
N GLN A 328 9.23 56.24 31.41
CA GLN A 328 10.29 57.19 31.77
C GLN A 328 11.39 57.18 30.72
N MET A 329 11.87 55.98 30.35
CA MET A 329 12.88 55.87 29.30
C MET A 329 12.41 56.50 27.99
N ALA A 330 11.16 56.23 27.58
CA ALA A 330 10.65 56.82 26.34
C ALA A 330 10.65 58.33 26.39
N GLU A 331 10.27 58.89 27.55
CA GLU A 331 10.21 60.34 27.65
C GLU A 331 11.60 60.97 27.66
N LYS A 332 12.59 60.31 28.26
CA LYS A 332 13.97 60.79 28.13
C LYS A 332 14.42 60.76 26.67
N VAL A 333 14.11 59.67 25.95
CA VAL A 333 14.42 59.59 24.52
C VAL A 333 13.82 60.78 23.78
N GLY A 334 12.55 61.07 24.06
CA GLY A 334 11.88 62.17 23.37
C GLY A 334 12.49 63.52 23.67
N ASP A 335 12.81 63.76 24.95
CA ASP A 335 13.38 65.05 25.33
C ASP A 335 14.72 65.29 24.66
N TYR A 336 15.53 64.23 24.53
CA TYR A 336 16.81 64.39 23.84
C TYR A 336 16.61 64.82 22.40
N MET A 337 15.60 64.24 21.74
CA MET A 337 15.38 64.56 20.34
C MET A 337 14.92 66.00 20.19
N GLU A 338 13.97 66.41 21.03
CA GLU A 338 13.47 67.78 21.02
C GLU A 338 14.57 68.79 21.33
N ASN A 339 15.61 68.39 22.06
CA ASN A 339 16.68 69.34 22.33
C ASN A 339 17.67 69.44 21.20
N HIS A 340 17.64 68.51 20.25
CA HIS A 340 18.52 68.58 19.10
C HIS A 340 17.71 68.67 17.80
N GLY A 341 16.70 69.53 17.74
CA GLY A 341 16.13 69.96 16.48
C GLY A 341 14.76 69.38 16.12
N VAL A 342 14.35 68.25 16.67
CA VAL A 342 13.09 67.62 16.27
C VAL A 342 11.90 68.31 16.92
N LYS A 343 10.98 68.82 16.10
CA LYS A 343 9.74 69.40 16.58
C LYS A 343 8.68 68.33 16.81
N PHE A 344 7.85 68.55 17.83
CA PHE A 344 6.80 67.61 18.21
C PHE A 344 5.46 68.35 18.29
N ALA A 345 4.44 67.78 17.65
CA ALA A 345 3.07 68.27 17.71
C ALA A 345 2.31 67.24 18.54
N LYS A 346 2.03 67.59 19.79
CA LYS A 346 1.64 66.60 20.79
C LYS A 346 0.11 66.51 20.92
N LEU A 347 -0.36 65.29 21.15
CA LEU A 347 -1.79 64.97 21.21
C LEU A 347 -2.51 65.48 19.96
N CYS A 348 -2.15 64.91 18.80
CA CYS A 348 -2.56 65.45 17.50
C CYS A 348 -2.70 64.33 16.47
N VAL A 349 -3.77 64.41 15.67
CA VAL A 349 -4.03 63.39 14.67
C VAL A 349 -4.34 64.04 13.33
N PRO A 350 -3.98 63.43 12.21
CA PRO A 350 -4.21 64.05 10.90
C PRO A 350 -5.61 63.79 10.36
N ASP A 351 -6.15 64.78 9.63
CA ASP A 351 -7.48 64.61 9.02
C ASP A 351 -7.46 64.47 7.50
N GLU A 352 -6.51 65.11 6.81
CA GLU A 352 -6.41 65.02 5.36
C GLU A 352 -5.07 65.58 4.88
N ILE A 353 -4.59 65.02 3.77
CA ILE A 353 -3.42 65.51 3.03
C ILE A 353 -3.89 66.05 1.68
N LYS A 354 -3.48 67.28 1.35
CA LYS A 354 -3.79 67.87 0.05
C LYS A 354 -2.50 68.12 -0.71
N GLN A 355 -2.55 67.89 -2.02
CA GLN A 355 -1.38 68.02 -2.88
C GLN A 355 -1.30 69.45 -3.40
N LEU A 356 -0.19 70.14 -3.10
CA LEU A 356 0.08 71.45 -3.68
C LEU A 356 1.09 71.40 -4.83
N LYS A 357 1.97 70.39 -4.86
CA LYS A 357 2.92 70.16 -5.95
C LYS A 357 3.09 68.66 -6.15
N VAL A 358 3.16 68.22 -7.40
CA VAL A 358 3.45 66.84 -7.74
C VAL A 358 4.95 66.64 -7.65
N VAL A 359 5.37 65.41 -7.30
CA VAL A 359 6.80 65.12 -7.18
C VAL A 359 7.51 65.40 -8.50
N ASP A 360 8.58 66.21 -8.43
CA ASP A 360 9.40 66.61 -9.59
C ASP A 360 10.38 65.47 -9.93
N THR A 361 9.88 64.52 -10.70
CA THR A 361 10.67 63.34 -11.04
C THR A 361 11.88 63.68 -11.91
N GLU A 362 11.82 64.78 -12.67
CA GLU A 362 12.92 65.17 -13.53
C GLU A 362 14.08 65.69 -12.70
N ASN A 363 13.94 66.88 -12.12
CA ASN A 363 15.00 67.58 -11.38
C ASN A 363 15.26 66.99 -10.00
N ASN A 364 14.62 65.87 -9.64
CA ASN A 364 14.92 65.15 -8.41
C ASN A 364 14.51 65.90 -7.16
N LYS A 365 13.24 66.31 -7.07
CA LYS A 365 12.79 67.10 -5.94
C LYS A 365 11.49 66.56 -5.37
N PRO A 366 11.22 66.82 -4.10
CA PRO A 366 9.90 66.50 -3.54
C PRO A 366 8.83 67.44 -4.07
N GLY A 367 7.57 66.97 -4.01
CA GLY A 367 6.43 67.85 -4.15
C GLY A 367 6.24 68.74 -2.93
N LEU A 368 4.99 69.10 -2.66
CA LEU A 368 4.60 69.96 -1.53
C LEU A 368 3.17 69.63 -1.14
N LEU A 369 2.91 69.54 0.16
CA LEU A 369 1.62 69.10 0.67
C LEU A 369 1.10 70.01 1.78
N LEU A 370 -0.21 70.01 1.94
CA LEU A 370 -0.86 70.68 3.05
C LEU A 370 -1.43 69.61 3.96
N VAL A 371 -1.04 69.62 5.23
CA VAL A 371 -1.54 68.67 6.22
C VAL A 371 -2.49 69.40 7.17
N LYS A 372 -3.69 68.85 7.34
CA LYS A 372 -4.70 69.43 8.22
C LYS A 372 -5.11 68.42 9.28
N GLY A 373 -5.03 68.83 10.55
CA GLY A 373 -5.39 67.97 11.67
C GLY A 373 -6.03 68.68 12.84
N HIS A 374 -6.18 67.98 13.97
CA HIS A 374 -6.68 68.58 15.20
C HIS A 374 -6.02 67.97 16.42
N TYR A 375 -5.88 68.80 17.46
CA TYR A 375 -5.42 68.36 18.76
C TYR A 375 -6.59 67.82 19.58
N THR A 376 -6.27 67.12 20.68
CA THR A 376 -7.34 66.38 21.33
C THR A 376 -8.35 67.32 22.01
N ASP A 377 -8.00 68.58 22.21
CA ASP A 377 -8.89 69.57 22.83
C ASP A 377 -9.68 70.40 21.82
N GLY A 378 -9.73 69.98 20.54
CA GLY A 378 -10.45 70.70 19.52
C GLY A 378 -9.61 71.59 18.62
N LYS A 379 -8.54 72.19 19.14
CA LYS A 379 -7.77 73.16 18.36
C LYS A 379 -7.27 72.54 17.06
N LYS A 380 -6.96 73.40 16.09
CA LYS A 380 -6.71 72.98 14.73
C LYS A 380 -5.21 72.89 14.42
N PHE A 381 -4.86 72.00 13.49
CA PHE A 381 -3.50 71.87 12.96
C PHE A 381 -3.54 72.11 11.46
N GLU A 382 -2.65 72.97 10.96
CA GLU A 382 -2.57 73.25 9.53
C GLU A 382 -1.17 73.77 9.21
N GLU A 383 -0.44 73.05 8.35
CA GLU A 383 0.96 73.35 8.07
C GLU A 383 1.37 72.60 6.81
N GLU A 384 2.29 73.22 6.06
CA GLU A 384 2.82 72.66 4.82
C GLU A 384 4.08 71.84 5.08
N PHE A 385 4.24 70.75 4.31
CA PHE A 385 5.47 69.94 4.33
C PHE A 385 5.80 69.50 2.90
N GLU A 386 7.02 69.01 2.71
CA GLU A 386 7.38 68.42 1.43
C GLU A 386 7.19 66.90 1.40
N THR A 387 7.31 66.23 2.54
CA THR A 387 7.16 64.76 2.62
C THR A 387 6.42 64.38 3.90
N VAL A 388 5.43 63.51 3.76
CA VAL A 388 4.68 63.03 4.91
C VAL A 388 4.90 61.54 5.01
N ILE A 389 5.54 61.11 6.10
CA ILE A 389 5.86 59.71 6.33
C ILE A 389 4.91 59.14 7.38
N PHE A 390 4.18 58.08 7.00
CA PHE A 390 3.25 57.41 7.90
C PHE A 390 3.95 56.22 8.55
N ALA A 391 4.02 56.23 9.88
CA ALA A 391 4.50 55.11 10.67
C ALA A 391 3.47 54.82 11.77
N VAL A 392 2.33 54.24 11.38
CA VAL A 392 1.24 54.04 12.33
C VAL A 392 0.95 52.55 12.51
N GLY A 393 1.97 51.72 12.39
CA GLY A 393 1.86 50.31 12.67
C GLY A 393 1.96 49.48 11.42
N ARG A 394 2.07 48.16 11.63
CA ARG A 394 2.17 47.19 10.56
C ARG A 394 1.18 46.06 10.81
N GLU A 395 0.79 45.39 9.73
CA GLU A 395 -0.21 44.34 9.81
C GLU A 395 0.05 43.32 8.71
N PRO A 396 -0.33 42.07 8.92
CA PRO A 396 -0.24 41.07 7.85
C PRO A 396 -1.52 41.01 7.05
N GLN A 397 -1.55 40.16 6.04
CA GLN A 397 -2.80 40.02 5.31
C GLN A 397 -2.86 38.57 4.83
N LEU A 398 -3.15 37.68 5.78
CA LEU A 398 -3.16 36.26 5.44
C LEU A 398 -4.29 35.89 4.49
N SER A 399 -5.27 36.78 4.30
CA SER A 399 -6.25 36.58 3.25
C SER A 399 -5.60 36.36 1.88
N LYS A 400 -4.43 36.96 1.63
CA LYS A 400 -3.71 36.81 0.36
C LYS A 400 -2.74 35.63 0.34
N VAL A 401 -2.71 34.83 1.39
CA VAL A 401 -1.69 33.80 1.51
C VAL A 401 -2.38 32.46 1.76
N LEU A 402 -3.56 32.50 2.38
CA LEU A 402 -4.12 31.34 3.06
C LEU A 402 -5.62 31.30 2.84
N CYS A 403 -6.11 30.21 2.27
CA CYS A 403 -7.55 30.03 2.11
C CYS A 403 -8.21 29.72 3.44
N GLU A 404 -9.39 30.31 3.69
CA GLU A 404 -10.06 30.08 4.98
C GLU A 404 -10.48 28.63 5.15
N THR A 405 -10.76 27.93 4.05
CA THR A 405 -11.16 26.53 4.16
C THR A 405 -10.01 25.60 4.52
N VAL A 406 -8.77 26.08 4.52
CA VAL A 406 -7.67 25.19 4.89
C VAL A 406 -7.73 24.81 6.37
N GLY A 407 -8.23 25.71 7.22
CA GLY A 407 -8.40 25.39 8.63
C GLY A 407 -7.37 25.97 9.59
N VAL A 408 -6.49 26.85 9.13
CA VAL A 408 -5.53 27.50 10.02
C VAL A 408 -6.23 28.63 10.76
N LYS A 409 -6.12 28.63 12.09
CA LYS A 409 -6.85 29.58 12.93
C LYS A 409 -6.05 30.85 13.16
N LEU A 410 -6.72 32.00 13.03
CA LEU A 410 -6.14 33.32 13.30
C LEU A 410 -6.83 33.99 14.49
N ASP A 411 -6.13 34.96 15.09
CA ASP A 411 -6.69 35.72 16.20
C ASP A 411 -7.36 36.99 15.67
N LYS A 412 -7.73 37.91 16.57
CA LYS A 412 -8.39 39.16 16.18
C LYS A 412 -7.52 39.97 15.23
N ASN A 413 -6.23 40.09 15.51
CA ASN A 413 -5.36 40.93 14.70
C ASN A 413 -5.03 40.31 13.36
N GLY A 414 -5.42 39.06 13.11
CA GLY A 414 -5.08 38.42 11.87
C GLY A 414 -3.79 37.64 11.89
N ARG A 415 -3.20 37.43 13.05
CA ARG A 415 -1.99 36.64 13.19
C ARG A 415 -2.34 35.19 13.56
N VAL A 416 -1.46 34.26 13.19
CA VAL A 416 -1.69 32.82 13.33
C VAL A 416 -1.52 32.38 14.78
N VAL A 417 -2.45 31.55 15.26
CA VAL A 417 -2.42 31.03 16.62
C VAL A 417 -1.61 29.73 16.63
N CYS A 418 -0.51 29.69 17.39
CA CYS A 418 0.35 28.52 17.41
C CYS A 418 0.55 28.02 18.84
N THR A 419 0.92 26.74 18.95
CA THR A 419 1.50 26.22 20.17
C THR A 419 2.99 26.59 20.24
N ASP A 420 3.63 26.30 21.36
CA ASP A 420 5.00 26.77 21.55
C ASP A 420 6.03 25.98 20.75
N ASP A 421 5.59 25.13 19.83
CA ASP A 421 6.49 24.50 18.86
C ASP A 421 6.28 25.06 17.46
N GLU A 422 5.58 26.20 17.33
CA GLU A 422 5.26 26.87 16.08
C GLU A 422 4.18 26.16 15.26
N GLN A 423 3.54 25.11 15.81
CA GLN A 423 2.49 24.38 15.11
C GLN A 423 1.17 25.16 15.12
N THR A 424 0.57 25.33 13.94
CA THR A 424 -0.76 25.90 13.75
C THR A 424 -1.83 24.82 13.99
N THR A 425 -3.11 25.17 13.76
CA THR A 425 -4.19 24.20 13.95
C THR A 425 -4.25 23.13 12.85
N VAL A 426 -3.37 23.17 11.85
CA VAL A 426 -3.28 22.11 10.84
C VAL A 426 -1.90 21.45 10.99
N SER A 427 -1.91 20.17 11.36
CA SER A 427 -0.77 19.60 12.07
C SER A 427 0.54 19.64 11.27
N ASN A 428 0.46 19.65 9.94
CA ASN A 428 1.65 19.76 9.10
C ASN A 428 1.98 21.21 8.69
N VAL A 429 1.32 22.22 9.26
CA VAL A 429 1.55 23.61 8.89
C VAL A 429 2.07 24.39 10.10
N TYR A 430 3.15 25.13 9.90
CA TYR A 430 3.76 25.90 10.98
C TYR A 430 3.85 27.37 10.57
N ALA A 431 4.00 28.23 11.58
CA ALA A 431 4.16 29.67 11.35
C ALA A 431 5.32 30.20 12.18
N ILE A 432 6.11 31.10 11.58
CA ILE A 432 7.27 31.70 12.23
C ILE A 432 7.28 33.19 11.93
N GLY A 433 7.98 33.94 12.78
CA GLY A 433 8.24 35.34 12.51
C GLY A 433 7.15 36.28 12.95
N ASP A 434 7.04 37.44 12.28
CA ASP A 434 6.10 38.48 12.70
C ASP A 434 4.64 38.02 12.66
N ILE A 435 4.31 37.00 11.87
CA ILE A 435 2.90 36.58 11.80
C ILE A 435 2.52 35.57 12.88
N ASN A 436 3.49 35.07 13.66
CA ASN A 436 3.19 34.19 14.79
C ASN A 436 2.65 35.04 15.95
N ALA A 437 1.37 34.87 16.27
CA ALA A 437 0.73 35.74 17.26
C ALA A 437 1.41 35.68 18.62
N GLY A 438 1.51 36.85 19.27
CA GLY A 438 2.05 36.96 20.60
C GLY A 438 3.56 37.01 20.72
N LYS A 439 4.28 36.76 19.65
CA LYS A 439 5.74 36.70 19.79
C LYS A 439 6.37 38.06 19.53
N PRO A 440 7.54 38.34 20.13
CA PRO A 440 8.27 39.56 19.77
C PRO A 440 8.58 39.58 18.28
N GLN A 441 8.40 40.75 17.67
CA GLN A 441 8.51 40.90 16.21
C GLN A 441 9.92 41.38 15.85
N LEU A 442 10.88 40.47 15.87
CA LEU A 442 12.29 40.83 15.75
C LEU A 442 13.03 39.85 14.83
N THR A 443 14.04 40.36 14.14
CA THR A 443 14.73 39.49 13.18
C THR A 443 15.46 38.33 13.87
N PRO A 444 16.21 38.53 14.96
CA PRO A 444 16.90 37.36 15.55
C PRO A 444 15.95 36.31 16.07
N VAL A 445 14.74 36.70 16.43
CA VAL A 445 13.74 35.74 16.89
C VAL A 445 13.23 34.91 15.72
N ALA A 446 12.85 35.57 14.61
CA ALA A 446 12.49 34.86 13.39
C ALA A 446 13.59 33.88 12.97
N ILE A 447 14.85 34.34 12.97
CA ILE A 447 15.98 33.49 12.58
C ILE A 447 16.08 32.28 13.51
N GLN A 448 16.09 32.52 14.83
CA GLN A 448 16.22 31.40 15.78
C GLN A 448 15.03 30.45 15.70
N ALA A 449 13.80 31.00 15.64
CA ALA A 449 12.62 30.16 15.55
C ALA A 449 12.68 29.27 14.32
N GLY A 450 13.17 29.81 13.21
CA GLY A 450 13.18 29.05 11.97
C GLY A 450 14.20 27.93 11.96
N ARG A 451 15.38 28.18 12.51
CA ARG A 451 16.40 27.14 12.51
C ARG A 451 16.05 26.00 13.48
N TYR A 452 15.49 26.33 14.66
CA TYR A 452 15.13 25.28 15.62
C TYR A 452 13.95 24.45 15.13
N LEU A 453 12.99 25.07 14.47
CA LEU A 453 11.91 24.30 13.85
C LEU A 453 12.46 23.29 12.85
N ALA A 454 13.40 23.71 11.99
CA ALA A 454 13.93 22.80 10.98
C ALA A 454 14.66 21.63 11.62
N ARG A 455 15.31 21.84 12.77
CA ARG A 455 16.01 20.72 13.40
C ARG A 455 15.04 19.74 14.03
N ARG A 456 13.92 20.22 14.58
CA ARG A 456 12.92 19.35 15.16
C ARG A 456 12.23 18.52 14.06
N LEU A 457 11.93 19.13 12.92
CA LEU A 457 11.18 18.45 11.87
C LEU A 457 12.03 17.38 11.17
N PHE A 458 13.29 17.70 10.88
CA PHE A 458 14.10 16.89 9.99
C PHE A 458 15.36 16.32 10.62
N ALA A 459 15.63 16.57 11.91
CA ALA A 459 16.85 16.06 12.50
C ALA A 459 16.65 15.51 13.91
N GLY A 460 15.41 15.28 14.35
CA GLY A 460 15.16 14.69 15.64
C GLY A 460 15.43 15.57 16.84
N ALA A 461 15.75 16.85 16.65
CA ALA A 461 16.03 17.72 17.79
C ALA A 461 14.76 17.91 18.63
N THR A 462 14.93 18.42 19.84
CA THR A 462 13.79 18.73 20.68
C THR A 462 13.76 20.14 21.22
N GLU A 463 14.84 20.91 21.06
CA GLU A 463 14.94 22.20 21.74
C GLU A 463 13.93 23.17 21.14
N LEU A 464 13.20 23.86 22.01
CA LEU A 464 12.25 24.89 21.62
C LEU A 464 12.92 26.26 21.63
N THR A 465 12.30 27.20 20.92
CA THR A 465 12.70 28.60 20.97
C THR A 465 12.19 29.26 22.26
N ASP A 466 13.05 30.01 22.95
CA ASP A 466 12.70 30.66 24.22
C ASP A 466 12.40 32.13 23.95
N TYR A 467 11.13 32.50 24.02
CA TYR A 467 10.66 33.82 23.66
C TYR A 467 10.65 34.84 24.80
N SER A 468 11.13 34.50 25.99
CA SER A 468 11.03 35.40 27.12
C SER A 468 12.31 36.22 27.30
N ASN A 469 12.14 37.45 27.80
CA ASN A 469 13.27 38.30 28.18
C ASN A 469 14.20 38.57 27.00
N VAL A 470 13.64 38.89 25.84
CA VAL A 470 14.45 39.14 24.65
C VAL A 470 14.85 40.61 24.63
N ALA A 471 16.15 40.88 24.71
CA ALA A 471 16.66 42.24 24.64
C ALA A 471 16.29 42.91 23.32
N THR A 472 16.12 44.24 23.38
CA THR A 472 15.83 45.09 22.23
C THR A 472 16.76 46.30 22.24
N THR A 473 16.83 47.02 21.11
CA THR A 473 17.43 48.36 21.15
C THR A 473 16.77 49.25 20.12
N VAL A 474 16.29 50.42 20.59
CA VAL A 474 15.79 51.49 19.73
C VAL A 474 16.93 52.40 19.32
N PHE A 475 17.10 52.60 18.01
CA PHE A 475 18.28 53.32 17.48
C PHE A 475 17.95 54.77 17.15
N THR A 476 17.46 55.49 18.16
CA THR A 476 17.23 56.93 18.09
C THR A 476 18.57 57.66 18.21
N PRO A 477 18.62 58.97 17.94
CA PRO A 477 19.92 59.66 17.97
C PRO A 477 20.74 59.42 19.23
N LEU A 478 20.08 59.32 20.39
CA LEU A 478 20.67 58.70 21.58
C LEU A 478 19.97 57.37 21.77
N GLU A 479 20.71 56.26 21.65
CA GLU A 479 20.14 54.92 21.64
C GLU A 479 19.60 54.51 23.01
N TYR A 480 18.61 53.61 22.99
CA TYR A 480 17.99 53.05 24.20
C TYR A 480 17.89 51.53 24.09
N GLY A 481 18.58 50.82 24.99
CA GLY A 481 18.56 49.36 25.00
C GLY A 481 17.90 48.86 26.28
N ALA A 482 17.22 47.72 26.19
CA ALA A 482 16.53 47.18 27.36
C ALA A 482 16.42 45.66 27.28
N CYS A 483 16.31 45.01 28.45
CA CYS A 483 16.05 43.56 28.54
C CYS A 483 15.17 43.27 29.75
N GLY A 484 13.97 42.73 29.53
CA GLY A 484 13.08 42.39 30.63
C GLY A 484 11.94 43.37 30.85
N LEU A 485 11.42 43.47 32.08
CA LEU A 485 10.19 44.22 32.35
C LEU A 485 10.43 45.72 32.44
N SER A 486 9.45 46.50 31.98
CA SER A 486 9.45 47.92 32.31
C SER A 486 9.15 48.11 33.81
N GLU A 487 9.56 49.27 34.34
CA GLU A 487 9.37 49.52 35.76
C GLU A 487 7.90 49.48 36.14
N GLU A 488 7.02 50.10 35.33
CA GLU A 488 5.59 50.10 35.65
C GLU A 488 4.97 48.72 35.52
N ASP A 489 5.49 47.86 34.63
CA ASP A 489 4.99 46.49 34.57
C ASP A 489 5.46 45.67 35.77
N ALA A 490 6.65 45.93 36.27
CA ALA A 490 7.12 45.20 37.45
C ALA A 490 6.24 45.54 38.64
N ILE A 491 5.86 46.81 38.78
CA ILE A 491 5.03 47.24 39.90
C ILE A 491 3.61 46.68 39.76
N GLU A 492 3.05 46.69 38.56
CA GLU A 492 1.74 46.08 38.37
C GLU A 492 1.74 44.62 38.80
N LYS A 493 2.80 43.89 38.50
CA LYS A 493 2.77 42.44 38.68
C LYS A 493 3.08 42.01 40.12
N TYR A 494 3.86 42.78 40.86
CA TYR A 494 4.30 42.38 42.18
C TYR A 494 3.97 43.37 43.29
N GLY A 495 3.62 44.61 42.96
CA GLY A 495 3.28 45.58 43.97
C GLY A 495 4.48 46.44 44.30
N ASP A 496 4.23 47.73 44.57
CA ASP A 496 5.33 48.67 44.76
C ASP A 496 6.23 48.29 45.94
N LYS A 497 5.69 47.68 46.98
CA LYS A 497 6.50 47.38 48.16
C LYS A 497 7.57 46.32 47.89
N ASP A 498 7.38 45.47 46.88
CA ASP A 498 8.31 44.41 46.52
C ASP A 498 9.23 44.77 45.35
N ILE A 499 9.28 46.04 44.93
CA ILE A 499 10.13 46.49 43.84
C ILE A 499 11.15 47.49 44.36
N GLU A 500 12.41 47.33 43.94
CA GLU A 500 13.48 48.28 44.26
C GLU A 500 14.20 48.64 42.97
N VAL A 501 14.44 49.94 42.75
CA VAL A 501 15.03 50.42 41.51
C VAL A 501 16.34 51.12 41.84
N TYR A 502 17.44 50.63 41.26
CA TYR A 502 18.71 51.31 41.36
C TYR A 502 18.99 52.05 40.04
N HIS A 503 19.55 53.26 40.14
CA HIS A 503 19.72 54.07 38.94
C HIS A 503 20.84 55.08 39.15
N SER A 504 21.31 55.63 38.03
CA SER A 504 22.36 56.65 38.03
C SER A 504 22.39 57.31 36.67
N ASN A 505 22.62 58.62 36.64
CA ASN A 505 23.02 59.26 35.41
C ASN A 505 24.49 58.92 35.10
N PHE A 506 24.94 59.23 33.88
CA PHE A 506 26.37 59.13 33.57
C PHE A 506 26.70 59.97 32.34
N LYS A 507 28.00 60.20 32.15
CA LYS A 507 28.56 60.91 31.01
C LYS A 507 29.67 60.06 30.42
N PRO A 508 29.64 59.73 29.12
CA PRO A 508 30.79 59.01 28.53
C PRO A 508 32.05 59.88 28.52
N LEU A 509 33.20 59.22 28.67
CA LEU A 509 34.48 59.95 28.65
C LEU A 509 34.69 60.70 27.33
N GLU A 510 34.21 60.14 26.22
CA GLU A 510 34.25 60.80 24.92
C GLU A 510 33.50 62.13 24.91
N TRP A 511 32.45 62.29 25.73
CA TRP A 511 31.70 63.54 25.71
C TRP A 511 32.37 64.67 26.47
N THR A 512 33.43 64.38 27.24
CA THR A 512 34.03 65.39 28.10
C THR A 512 34.76 66.44 27.27
N VAL A 513 35.77 66.03 26.50
CA VAL A 513 36.55 66.97 25.72
C VAL A 513 35.68 67.64 24.67
N ALA A 514 34.62 66.97 24.19
CA ALA A 514 33.70 67.47 23.18
C ALA A 514 32.63 68.40 23.74
N HIS A 515 32.61 68.63 25.07
CA HIS A 515 31.70 69.58 25.73
C HIS A 515 30.23 69.22 25.50
N ARG A 516 29.91 67.93 25.57
CA ARG A 516 28.53 67.49 25.44
C ARG A 516 27.89 67.38 26.84
N GLU A 517 26.63 66.96 26.88
CA GLU A 517 25.79 67.11 28.06
C GLU A 517 26.21 66.23 29.23
N ASP A 518 26.04 66.77 30.45
CA ASP A 518 26.55 66.17 31.68
C ASP A 518 25.63 65.09 32.25
N ASN A 519 24.32 65.30 32.23
CA ASN A 519 23.42 64.40 32.93
C ASN A 519 22.26 64.00 32.04
N VAL A 520 22.54 63.54 30.82
CA VAL A 520 21.49 63.10 29.91
C VAL A 520 21.43 61.58 29.84
N CYS A 521 22.56 60.90 29.66
CA CYS A 521 22.54 59.44 29.69
C CYS A 521 22.10 58.94 31.06
N TYR A 522 21.46 57.77 31.07
CA TYR A 522 20.79 57.26 32.27
C TYR A 522 20.68 55.73 32.19
N MET A 523 20.78 55.04 33.33
CA MET A 523 20.56 53.61 33.33
C MET A 523 19.90 53.21 34.65
N LYS A 524 19.08 52.14 34.62
CA LYS A 524 18.44 51.68 35.85
C LYS A 524 18.29 50.17 35.87
N LEU A 525 18.25 49.62 37.09
CA LEU A 525 17.97 48.21 37.37
C LEU A 525 16.69 48.09 38.18
N VAL A 526 15.72 47.32 37.69
CA VAL A 526 14.44 47.13 38.36
C VAL A 526 14.44 45.74 38.96
N CYS A 527 14.34 45.65 40.30
CA CYS A 527 14.57 44.39 41.01
C CYS A 527 13.38 44.00 41.90
N ARG A 528 13.35 42.73 42.26
CA ARG A 528 12.33 42.15 43.15
C ARG A 528 12.94 41.81 44.51
N LYS A 529 12.46 42.49 45.55
CA LYS A 529 13.06 42.35 46.88
C LYS A 529 12.93 40.94 47.41
N SER A 530 11.75 40.33 47.30
CA SER A 530 11.54 39.03 47.93
C SER A 530 12.12 37.87 47.13
N ASP A 531 12.80 38.12 46.02
CA ASP A 531 13.41 37.03 45.27
C ASP A 531 14.90 37.31 45.13
N ASN A 532 15.57 37.49 46.28
CA ASN A 532 17.02 37.73 46.34
C ASN A 532 17.43 38.92 45.48
N MET A 533 16.56 39.92 45.37
CA MET A 533 16.83 41.12 44.56
C MET A 533 17.12 40.74 43.12
N ARG A 534 16.27 39.86 42.57
CA ARG A 534 16.39 39.41 41.19
C ARG A 534 16.25 40.59 40.24
N VAL A 535 17.03 40.60 39.17
CA VAL A 535 16.93 41.66 38.18
C VAL A 535 15.74 41.33 37.29
N LEU A 536 14.70 42.17 37.34
CA LEU A 536 13.51 42.02 36.51
C LEU A 536 13.60 42.76 35.19
N GLY A 537 14.32 43.87 35.17
CA GLY A 537 14.52 44.61 33.94
C GLY A 537 15.79 45.45 33.96
N LEU A 538 16.45 45.56 32.82
CA LEU A 538 17.60 46.43 32.63
C LEU A 538 17.26 47.50 31.60
N HIS A 539 17.74 48.74 31.82
CA HIS A 539 17.46 49.86 30.93
C HIS A 539 18.65 50.82 30.87
N VAL A 540 19.01 51.25 29.66
CA VAL A 540 20.16 52.12 29.46
C VAL A 540 19.90 53.06 28.28
N LEU A 541 20.14 54.36 28.49
CA LEU A 541 20.05 55.37 27.44
C LEU A 541 21.44 55.96 27.24
N GLY A 542 21.98 55.81 26.03
CA GLY A 542 23.34 56.23 25.77
C GLY A 542 23.91 55.70 24.47
N PRO A 543 25.13 56.12 24.15
CA PRO A 543 25.75 55.64 22.92
C PRO A 543 26.05 54.15 23.01
N ASN A 544 25.93 53.47 21.85
CA ASN A 544 26.28 52.05 21.70
C ASN A 544 25.40 51.13 22.57
N ALA A 545 24.17 51.58 22.87
CA ALA A 545 23.33 50.90 23.86
C ALA A 545 23.09 49.44 23.51
N GLY A 546 22.98 49.11 22.22
CA GLY A 546 22.83 47.71 21.83
C GLY A 546 24.03 46.86 22.20
N GLU A 547 25.23 47.38 21.97
CA GLU A 547 26.42 46.64 22.35
C GLU A 547 26.53 46.51 23.86
N ILE A 548 26.11 47.54 24.60
CA ILE A 548 26.14 47.49 26.06
C ILE A 548 25.22 46.40 26.56
N THR A 549 23.96 46.42 26.10
CA THR A 549 22.92 45.58 26.66
C THR A 549 23.16 44.09 26.39
N GLN A 550 23.51 43.73 25.14
CA GLN A 550 23.50 42.34 24.69
C GLN A 550 24.05 41.34 25.71
N GLY A 551 25.28 41.59 26.18
CA GLY A 551 25.91 40.65 27.09
C GLY A 551 25.13 40.39 28.36
N TYR A 552 24.51 41.44 28.93
CA TYR A 552 23.74 41.27 30.15
C TYR A 552 22.50 40.39 29.92
N ALA A 553 22.02 40.31 28.68
CA ALA A 553 20.88 39.42 28.39
C ALA A 553 21.21 37.97 28.73
N VAL A 554 22.47 37.54 28.55
CA VAL A 554 22.82 36.19 28.94
C VAL A 554 22.70 36.03 30.45
N ALA A 555 23.13 37.02 31.21
CA ALA A 555 23.08 36.92 32.67
C ALA A 555 21.64 36.90 33.16
N ILE A 556 20.78 37.72 32.54
CA ILE A 556 19.38 37.75 32.94
C ILE A 556 18.69 36.44 32.61
N LYS A 557 18.95 35.89 31.42
CA LYS A 557 18.37 34.58 31.09
C LYS A 557 18.75 33.55 32.14
N MET A 558 19.86 33.78 32.85
CA MET A 558 20.32 32.89 33.91
C MET A 558 19.80 33.22 35.31
N GLY A 559 18.96 34.26 35.49
CA GLY A 559 18.44 34.55 36.82
C GLY A 559 19.28 35.48 37.70
N ALA A 560 19.93 36.47 37.11
CA ALA A 560 20.90 37.28 37.84
C ALA A 560 20.22 38.18 38.87
N THR A 561 20.94 38.44 39.97
CA THR A 561 20.50 39.28 41.07
C THR A 561 21.35 40.54 41.12
N LYS A 562 21.00 41.45 42.02
CA LYS A 562 21.83 42.65 42.21
C LYS A 562 23.23 42.26 42.69
N ALA A 563 23.32 41.22 43.54
CA ALA A 563 24.62 40.78 44.06
C ALA A 563 25.53 40.25 42.95
N ASP A 564 24.95 39.58 41.95
CA ASP A 564 25.76 39.17 40.80
C ASP A 564 26.37 40.38 40.11
N PHE A 565 25.60 41.48 40.02
CA PHE A 565 26.10 42.72 39.41
C PHE A 565 27.13 43.40 40.31
N ASP A 566 26.97 43.30 41.63
CA ASP A 566 27.90 43.94 42.56
C ASP A 566 29.26 43.24 42.57
N ARG A 567 29.28 41.91 42.53
CA ARG A 567 30.55 41.20 42.69
C ARG A 567 31.37 41.16 41.40
N THR A 568 30.77 41.37 40.24
CA THR A 568 31.51 41.49 39.00
C THR A 568 32.19 42.85 38.88
N ILE A 569 33.45 42.85 38.45
CA ILE A 569 34.25 44.07 38.38
C ILE A 569 34.06 44.73 37.02
N GLY A 570 34.12 46.06 37.00
CA GLY A 570 33.93 46.78 35.76
C GLY A 570 35.19 46.86 34.91
N ILE A 571 34.97 47.23 33.63
CA ILE A 571 36.03 47.55 32.67
C ILE A 571 36.07 49.07 32.50
N HIS A 572 37.26 49.65 32.67
CA HIS A 572 37.44 51.09 32.76
C HIS A 572 38.40 51.57 31.68
N PRO A 573 38.07 52.64 30.95
CA PRO A 573 36.81 53.39 31.01
C PRO A 573 35.81 52.96 29.94
N THR A 574 34.57 52.70 30.35
CA THR A 574 33.44 52.37 29.48
C THR A 574 32.18 53.00 30.09
N CYS A 575 31.14 53.18 29.27
CA CYS A 575 29.83 53.47 29.86
C CYS A 575 29.29 52.24 30.59
N SER A 576 29.48 51.04 30.00
CA SER A 576 28.83 49.84 30.50
C SER A 576 29.20 49.53 31.95
N GLU A 577 30.37 50.00 32.43
CA GLU A 577 30.81 49.66 33.78
C GLU A 577 29.93 50.28 34.85
N THR A 578 29.15 51.33 34.52
CA THR A 578 28.28 51.94 35.52
C THR A 578 27.31 50.92 36.10
N PHE A 579 27.00 49.85 35.36
CA PHE A 579 26.06 48.87 35.88
C PHE A 579 26.66 48.09 37.06
N THR A 580 28.00 48.05 37.19
CA THR A 580 28.62 47.18 38.18
C THR A 580 28.75 47.83 39.55
N THR A 581 28.54 49.15 39.67
CA THR A 581 28.69 49.85 40.95
C THR A 581 27.48 50.72 41.28
N LEU A 582 26.27 50.29 40.86
CA LEU A 582 25.07 51.06 41.13
C LEU A 582 24.63 50.90 42.59
N HIS A 583 24.09 51.99 43.17
CA HIS A 583 23.76 51.99 44.60
C HIS A 583 22.64 52.95 45.04
N VAL A 584 22.24 53.92 44.22
CA VAL A 584 21.22 54.89 44.61
C VAL A 584 19.85 54.31 44.30
N THR A 585 18.99 54.21 45.31
CA THR A 585 17.63 53.71 45.09
C THR A 585 16.68 54.86 44.83
N LYS A 586 15.57 54.54 44.14
CA LYS A 586 14.51 55.52 43.90
C LYS A 586 13.78 55.86 45.20
N LYS A 587 13.52 54.87 46.06
CA LYS A 587 12.86 55.15 47.32
C LYS A 587 13.69 56.11 48.19
N SER A 588 15.00 56.05 48.11
CA SER A 588 15.80 56.90 48.98
C SER A 588 15.67 58.37 48.62
N GLY A 589 15.23 58.67 47.40
CA GLY A 589 15.14 60.05 46.94
C GLY A 589 16.47 60.79 46.79
N VAL A 590 17.60 60.12 46.99
CA VAL A 590 18.88 60.71 46.61
C VAL A 590 18.87 61.00 45.11
N SER A 591 19.58 62.04 44.70
CA SER A 591 19.62 62.36 43.28
C SER A 591 20.51 61.37 42.52
N PRO A 592 20.17 61.06 41.27
CA PRO A 592 21.06 60.22 40.45
C PRO A 592 22.07 60.99 39.64
N ILE A 593 22.20 62.32 39.80
CA ILE A 593 23.12 63.10 38.97
C ILE A 593 24.56 62.87 39.43
N VAL A 594 25.49 63.14 38.52
CA VAL A 594 26.91 63.03 38.83
C VAL A 594 27.62 64.36 38.59
N GLY B 7 -19.94 -72.79 -0.40
CA GLY B 7 -19.03 -71.66 -0.37
C GLY B 7 -18.02 -71.69 -1.51
N THR B 8 -16.95 -72.47 -1.31
CA THR B 8 -16.00 -72.71 -2.40
C THR B 8 -16.72 -73.20 -3.66
N SER B 9 -17.73 -74.05 -3.48
CA SER B 9 -18.41 -74.67 -4.63
C SER B 9 -19.10 -73.62 -5.50
N GLN B 10 -19.81 -72.67 -4.89
CA GLN B 10 -20.54 -71.67 -5.66
C GLN B 10 -19.60 -70.66 -6.32
N TRP B 11 -18.39 -70.49 -5.79
CA TRP B 11 -17.39 -69.70 -6.49
C TRP B 11 -16.92 -70.40 -7.75
N LEU B 12 -16.53 -71.67 -7.63
CA LEU B 12 -16.01 -72.39 -8.79
C LEU B 12 -17.05 -72.48 -9.90
N ARG B 13 -18.30 -72.74 -9.53
CA ARG B 13 -19.39 -72.73 -10.51
C ARG B 13 -19.46 -71.39 -11.24
N LYS B 14 -19.37 -70.29 -10.49
CA LYS B 14 -19.48 -68.96 -11.10
C LYS B 14 -18.28 -68.67 -11.99
N THR B 15 -17.08 -69.00 -11.53
CA THR B 15 -15.88 -68.79 -12.34
C THR B 15 -15.94 -69.59 -13.63
N VAL B 16 -16.35 -70.86 -13.55
CA VAL B 16 -16.33 -71.71 -14.73
C VAL B 16 -17.38 -71.26 -15.74
N ASP B 17 -18.58 -70.89 -15.28
CA ASP B 17 -19.63 -70.46 -16.21
C ASP B 17 -19.28 -69.17 -16.95
N SER B 18 -18.52 -68.26 -16.32
CA SER B 18 -18.34 -66.93 -16.89
C SER B 18 -17.05 -66.78 -17.70
N ALA B 19 -15.95 -67.39 -17.25
CA ALA B 19 -14.67 -67.23 -17.95
C ALA B 19 -14.80 -67.63 -19.41
N ALA B 20 -13.94 -67.06 -20.25
CA ALA B 20 -13.93 -67.43 -21.66
C ALA B 20 -12.91 -68.52 -21.95
N VAL B 21 -11.69 -68.36 -21.45
CA VAL B 21 -10.63 -69.35 -21.58
C VAL B 21 -9.85 -69.33 -20.27
N ILE B 22 -9.89 -70.44 -19.52
CA ILE B 22 -9.30 -70.46 -18.19
C ILE B 22 -8.58 -71.80 -17.96
N LEU B 23 -7.43 -71.72 -17.28
CA LEU B 23 -6.59 -72.86 -17.00
C LEU B 23 -6.41 -72.97 -15.50
N PHE B 24 -6.83 -74.10 -14.93
CA PHE B 24 -6.52 -74.40 -13.53
C PHE B 24 -5.20 -75.16 -13.50
N SER B 25 -4.27 -74.67 -12.67
CA SER B 25 -2.87 -75.07 -12.79
C SER B 25 -2.23 -75.20 -11.41
N LYS B 26 -0.94 -75.58 -11.41
CA LYS B 26 -0.05 -75.45 -10.27
C LYS B 26 1.32 -75.02 -10.78
N THR B 27 2.00 -74.14 -10.04
CA THR B 27 3.25 -73.57 -10.52
C THR B 27 4.37 -74.61 -10.56
N THR B 28 4.18 -75.72 -9.86
CA THR B 28 5.21 -76.75 -9.68
C THR B 28 5.11 -77.87 -10.71
N CYS B 29 4.09 -77.85 -11.58
CA CYS B 29 3.75 -79.01 -12.40
C CYS B 29 4.30 -78.85 -13.81
N PRO B 30 5.11 -79.77 -14.31
CA PRO B 30 5.67 -79.61 -15.67
C PRO B 30 4.63 -79.83 -16.76
N TYR B 31 3.58 -80.61 -16.48
CA TYR B 31 2.51 -80.76 -17.46
C TYR B 31 1.72 -79.47 -17.61
N CYS B 32 1.71 -78.64 -16.56
CA CYS B 32 1.06 -77.33 -16.66
C CYS B 32 1.90 -76.38 -17.52
N LYS B 33 3.19 -76.27 -17.20
CA LYS B 33 4.10 -75.46 -18.01
C LYS B 33 4.05 -75.88 -19.49
N LYS B 34 3.89 -77.19 -19.73
CA LYS B 34 3.77 -77.67 -21.11
C LYS B 34 2.53 -77.11 -21.79
N VAL B 35 1.41 -77.06 -21.07
CA VAL B 35 0.19 -76.55 -21.66
C VAL B 35 0.26 -75.04 -21.81
N LYS B 36 0.79 -74.34 -20.81
CA LYS B 36 0.96 -72.90 -20.93
C LYS B 36 1.74 -72.55 -22.19
N ASP B 37 2.79 -73.32 -22.50
CA ASP B 37 3.62 -73.04 -23.65
C ASP B 37 2.84 -73.19 -24.96
N VAL B 38 2.04 -74.25 -25.08
CA VAL B 38 1.27 -74.49 -26.31
C VAL B 38 0.28 -73.36 -26.55
N LEU B 39 -0.40 -72.88 -25.49
CA LEU B 39 -1.35 -71.79 -25.65
C LEU B 39 -0.62 -70.49 -26.00
N ALA B 40 0.51 -70.22 -25.35
CA ALA B 40 1.31 -69.05 -25.71
C ALA B 40 1.70 -69.09 -27.18
N GLU B 41 2.22 -70.23 -27.63
CA GLU B 41 2.71 -70.35 -29.00
C GLU B 41 1.59 -70.14 -30.00
N ALA B 42 0.39 -70.65 -29.70
CA ALA B 42 -0.75 -70.47 -30.60
C ALA B 42 -1.42 -69.11 -30.43
N LYS B 43 -0.86 -68.24 -29.59
CA LYS B 43 -1.42 -66.91 -29.32
C LYS B 43 -2.86 -67.01 -28.85
N ILE B 44 -3.09 -67.88 -27.85
CA ILE B 44 -4.38 -68.01 -27.17
C ILE B 44 -4.24 -67.38 -25.80
N LYS B 45 -5.00 -66.30 -25.58
CA LYS B 45 -5.02 -65.60 -24.31
C LYS B 45 -6.01 -66.28 -23.36
N HIS B 46 -5.69 -66.25 -22.06
CA HIS B 46 -6.47 -67.00 -21.10
C HIS B 46 -6.14 -66.54 -19.68
N ALA B 47 -7.05 -66.83 -18.75
CA ALA B 47 -6.80 -66.67 -17.33
C ALA B 47 -6.20 -67.94 -16.74
N THR B 48 -5.47 -67.78 -15.62
CA THR B 48 -4.89 -68.92 -14.92
C THR B 48 -5.14 -68.80 -13.43
N ILE B 49 -5.42 -69.94 -12.78
CA ILE B 49 -5.58 -70.02 -11.34
C ILE B 49 -4.59 -71.07 -10.82
N GLU B 50 -3.61 -70.63 -10.03
CA GLU B 50 -2.55 -71.51 -9.52
C GLU B 50 -2.95 -72.05 -8.16
N LEU B 51 -3.46 -73.30 -8.13
CA LEU B 51 -4.03 -73.85 -6.90
C LEU B 51 -3.00 -73.96 -5.79
N ASP B 52 -1.71 -74.17 -6.12
CA ASP B 52 -0.68 -74.25 -5.09
C ASP B 52 -0.37 -72.90 -4.44
N GLN B 53 -1.18 -71.87 -4.68
CA GLN B 53 -1.00 -70.58 -4.01
C GLN B 53 -2.31 -70.08 -3.43
N LEU B 54 -3.25 -70.98 -3.16
CA LEU B 54 -4.56 -70.59 -2.63
C LEU B 54 -4.81 -71.28 -1.31
N SER B 55 -5.54 -70.58 -0.45
CA SER B 55 -5.88 -71.13 0.86
C SER B 55 -6.57 -72.48 0.74
N ASN B 56 -7.63 -72.56 -0.04
CA ASN B 56 -8.38 -73.81 -0.20
C ASN B 56 -8.21 -74.39 -1.61
N GLY B 57 -6.99 -74.33 -2.16
CA GLY B 57 -6.74 -74.91 -3.47
C GLY B 57 -6.94 -76.41 -3.51
N SER B 58 -6.66 -77.10 -2.40
CA SER B 58 -6.93 -78.52 -2.32
C SER B 58 -8.43 -78.80 -2.38
N ALA B 59 -9.24 -77.94 -1.75
CA ALA B 59 -10.69 -78.09 -1.86
C ALA B 59 -11.17 -77.84 -3.28
N ILE B 60 -10.62 -76.81 -3.94
CA ILE B 60 -11.03 -76.45 -5.30
C ILE B 60 -10.74 -77.58 -6.26
N GLN B 61 -9.54 -78.15 -6.15
CA GLN B 61 -9.18 -79.33 -6.95
C GLN B 61 -10.28 -80.38 -6.93
N LYS B 62 -10.80 -80.69 -5.75
CA LYS B 62 -11.87 -81.68 -5.64
C LYS B 62 -13.15 -81.20 -6.31
N CYS B 63 -13.46 -79.90 -6.20
CA CYS B 63 -14.71 -79.40 -6.75
C CYS B 63 -14.71 -79.38 -8.27
N LEU B 64 -13.54 -79.21 -8.88
CA LEU B 64 -13.41 -79.27 -10.34
C LEU B 64 -13.99 -80.56 -10.92
N ALA B 65 -13.92 -81.65 -10.15
CA ALA B 65 -14.43 -82.94 -10.63
C ALA B 65 -15.90 -82.89 -10.97
N SER B 66 -16.64 -81.95 -10.38
CA SER B 66 -18.05 -81.80 -10.71
C SER B 66 -18.26 -81.48 -12.18
N PHE B 67 -17.26 -80.87 -12.82
CA PHE B 67 -17.39 -80.48 -14.21
C PHE B 67 -16.62 -81.39 -15.16
N SER B 68 -15.49 -81.93 -14.73
CA SER B 68 -14.55 -82.64 -15.60
C SER B 68 -14.45 -84.13 -15.31
N LYS B 69 -14.98 -84.58 -14.16
CA LYS B 69 -14.84 -85.95 -13.67
C LYS B 69 -13.40 -86.31 -13.33
N ILE B 70 -12.52 -85.32 -13.18
CA ILE B 70 -11.13 -85.58 -12.77
C ILE B 70 -10.73 -84.60 -11.69
N GLU B 71 -9.74 -85.00 -10.89
CA GLU B 71 -9.24 -84.23 -9.75
C GLU B 71 -7.81 -83.75 -9.93
N THR B 72 -7.24 -83.91 -11.12
CA THR B 72 -5.84 -83.65 -11.35
C THR B 72 -5.62 -82.28 -12.01
N VAL B 73 -4.35 -81.92 -12.19
CA VAL B 73 -3.93 -80.63 -12.76
C VAL B 73 -3.00 -80.90 -13.94
N PRO B 74 -3.19 -80.26 -15.10
CA PRO B 74 -4.08 -79.13 -15.41
C PRO B 74 -5.48 -79.46 -15.90
N GLN B 75 -6.40 -78.50 -15.78
CA GLN B 75 -7.72 -78.58 -16.41
C GLN B 75 -7.97 -77.27 -17.14
N MET B 76 -8.28 -77.37 -18.43
CA MET B 76 -8.59 -76.24 -19.27
C MET B 76 -10.09 -76.22 -19.57
N PHE B 77 -10.71 -75.05 -19.44
CA PHE B 77 -12.11 -74.84 -19.79
C PHE B 77 -12.22 -73.75 -20.87
N VAL B 78 -13.30 -73.81 -21.64
CA VAL B 78 -13.66 -72.76 -22.58
C VAL B 78 -15.14 -72.51 -22.43
N ARG B 79 -15.50 -71.31 -21.97
CA ARG B 79 -16.89 -70.85 -21.96
C ARG B 79 -17.80 -71.84 -21.23
N GLY B 80 -17.35 -72.28 -20.05
CA GLY B 80 -18.13 -73.16 -19.21
C GLY B 80 -17.93 -74.64 -19.44
N LYS B 81 -17.28 -75.01 -20.53
CA LYS B 81 -17.19 -76.38 -20.99
C LYS B 81 -15.78 -76.91 -20.74
N PHE B 82 -15.66 -78.10 -20.16
CA PHE B 82 -14.34 -78.70 -19.93
C PHE B 82 -13.77 -79.22 -21.25
N ILE B 83 -12.52 -78.88 -21.53
CA ILE B 83 -11.89 -79.20 -22.81
C ILE B 83 -10.91 -80.37 -22.70
N GLY B 84 -10.11 -80.45 -21.64
CA GLY B 84 -9.27 -81.62 -21.47
C GLY B 84 -8.10 -81.37 -20.53
N ASP B 85 -7.36 -82.46 -20.28
CA ASP B 85 -6.10 -82.39 -19.54
C ASP B 85 -4.95 -82.19 -20.52
N SER B 86 -3.72 -82.41 -20.06
CA SER B 86 -2.54 -82.19 -20.90
C SER B 86 -2.62 -82.97 -22.21
N GLN B 87 -2.81 -84.30 -22.13
CA GLN B 87 -2.81 -85.11 -23.34
C GLN B 87 -3.89 -84.67 -24.32
N THR B 88 -5.10 -84.36 -23.82
CA THR B 88 -6.20 -83.96 -24.70
C THR B 88 -5.94 -82.62 -25.38
N VAL B 89 -5.27 -81.69 -24.70
CA VAL B 89 -5.01 -80.39 -25.30
C VAL B 89 -3.97 -80.54 -26.41
N LEU B 90 -2.89 -81.29 -26.14
CA LEU B 90 -1.87 -81.49 -27.17
C LEU B 90 -2.43 -82.22 -28.38
N LYS B 91 -3.42 -83.12 -28.16
CA LYS B 91 -4.06 -83.81 -29.27
C LYS B 91 -4.82 -82.84 -30.18
N TYR B 92 -5.57 -81.91 -29.58
CA TYR B 92 -6.25 -80.88 -30.38
C TYR B 92 -5.23 -79.99 -31.11
N TYR B 93 -4.12 -79.69 -30.46
CA TYR B 93 -3.07 -78.89 -31.09
C TYR B 93 -2.44 -79.63 -32.26
N SER B 94 -2.00 -80.87 -32.03
CA SER B 94 -1.34 -81.64 -33.08
C SER B 94 -2.25 -81.97 -34.25
N ASN B 95 -3.57 -81.96 -34.03
CA ASN B 95 -4.57 -82.21 -35.05
C ASN B 95 -5.14 -80.93 -35.66
N ASP B 96 -4.57 -79.76 -35.34
CA ASP B 96 -5.07 -78.48 -35.84
C ASP B 96 -6.54 -78.24 -35.50
N GLU B 97 -6.98 -78.73 -34.33
CA GLU B 97 -8.36 -78.57 -33.92
C GLU B 97 -8.54 -77.54 -32.81
N LEU B 98 -7.45 -77.08 -32.20
CA LEU B 98 -7.54 -76.25 -31.00
C LEU B 98 -8.21 -74.91 -31.29
N ALA B 99 -7.84 -74.26 -32.40
CA ALA B 99 -8.26 -72.88 -32.62
C ALA B 99 -9.77 -72.76 -32.76
N GLY B 100 -10.40 -73.73 -33.42
CA GLY B 100 -11.85 -73.71 -33.55
C GLY B 100 -12.58 -74.08 -32.27
N ILE B 101 -11.90 -74.77 -31.36
CA ILE B 101 -12.47 -75.09 -30.07
C ILE B 101 -12.47 -73.87 -29.15
N VAL B 102 -11.38 -73.09 -29.12
CA VAL B 102 -11.36 -71.91 -28.27
C VAL B 102 -12.22 -70.79 -28.85
N ASN B 103 -12.42 -70.79 -30.16
CA ASN B 103 -13.15 -69.70 -30.80
C ASN B 103 -14.65 -69.96 -30.94
N GLU B 104 -15.17 -71.10 -30.50
CA GLU B 104 -16.59 -71.38 -30.69
C GLU B 104 -17.40 -70.81 -29.54
N SER B 105 -18.51 -70.15 -29.88
CA SER B 105 -19.29 -69.40 -28.91
C SER B 105 -20.73 -69.25 -29.40
N LYS B 106 -21.66 -69.27 -28.45
CA LYS B 106 -23.06 -68.96 -28.76
C LYS B 106 -23.22 -67.55 -29.29
N TYR B 107 -22.32 -66.64 -28.93
CA TYR B 107 -22.46 -65.23 -29.22
C TYR B 107 -21.28 -64.73 -30.06
N ASP B 108 -21.52 -63.62 -30.76
CA ASP B 108 -20.45 -62.95 -31.51
C ASP B 108 -19.28 -62.60 -30.60
N TYR B 109 -19.56 -62.01 -29.44
CA TYR B 109 -18.52 -61.57 -28.53
C TYR B 109 -18.82 -62.07 -27.12
N ASP B 110 -17.76 -62.26 -26.34
CA ASP B 110 -17.94 -62.51 -24.92
C ASP B 110 -18.38 -61.26 -24.19
N LEU B 111 -17.92 -60.09 -24.65
CA LEU B 111 -18.17 -58.81 -23.99
C LEU B 111 -18.43 -57.73 -25.03
N ILE B 112 -19.55 -57.02 -24.90
CA ILE B 112 -19.77 -55.78 -25.65
C ILE B 112 -19.85 -54.64 -24.65
N VAL B 113 -18.94 -53.67 -24.77
CA VAL B 113 -18.96 -52.45 -23.96
C VAL B 113 -19.58 -51.34 -24.79
N ILE B 114 -20.66 -50.75 -24.30
CA ILE B 114 -21.27 -49.58 -24.94
C ILE B 114 -20.74 -48.34 -24.22
N GLY B 115 -19.95 -47.52 -24.93
CA GLY B 115 -19.30 -46.34 -24.37
C GLY B 115 -17.78 -46.43 -24.32
N GLY B 116 -17.09 -45.64 -25.13
CA GLY B 116 -15.63 -45.71 -25.15
C GLY B 116 -14.91 -44.64 -24.32
N GLY B 117 -15.28 -44.50 -23.04
CA GLY B 117 -14.63 -43.55 -22.15
C GLY B 117 -13.87 -44.20 -20.99
N SER B 118 -13.72 -43.45 -19.90
CA SER B 118 -12.93 -43.84 -18.73
C SER B 118 -13.14 -45.30 -18.30
N GLY B 119 -14.33 -45.60 -17.76
CA GLY B 119 -14.62 -46.97 -17.37
C GLY B 119 -14.70 -47.90 -18.56
N GLY B 120 -15.23 -47.41 -19.68
CA GLY B 120 -15.45 -48.28 -20.82
C GLY B 120 -14.17 -48.88 -21.35
N LEU B 121 -13.18 -48.04 -21.66
CA LEU B 121 -11.92 -48.56 -22.19
C LEU B 121 -11.20 -49.41 -21.14
N ALA B 122 -11.21 -48.98 -19.88
CA ALA B 122 -10.53 -49.75 -18.83
C ALA B 122 -11.12 -51.15 -18.71
N ALA B 123 -12.45 -51.27 -18.75
CA ALA B 123 -13.09 -52.57 -18.67
C ALA B 123 -12.72 -53.44 -19.87
N GLY B 124 -12.81 -52.87 -21.08
CA GLY B 124 -12.56 -53.65 -22.29
C GLY B 124 -11.14 -54.17 -22.39
N LYS B 125 -10.15 -53.34 -22.05
CA LYS B 125 -8.77 -53.79 -22.13
C LYS B 125 -8.50 -54.89 -21.11
N GLU B 126 -8.99 -54.73 -19.88
CA GLU B 126 -8.74 -55.76 -18.88
C GLU B 126 -9.37 -57.08 -19.30
N ALA B 127 -10.61 -57.06 -19.78
CA ALA B 127 -11.27 -58.28 -20.23
C ALA B 127 -10.47 -59.01 -21.30
N ALA B 128 -10.02 -58.30 -22.35
CA ALA B 128 -9.33 -58.95 -23.45
C ALA B 128 -8.07 -59.67 -23.00
N LYS B 129 -7.45 -59.21 -21.91
CA LYS B 129 -6.23 -59.82 -21.41
C LYS B 129 -6.43 -61.26 -20.95
N TYR B 130 -7.64 -61.62 -20.54
CA TYR B 130 -7.92 -62.99 -20.11
C TYR B 130 -8.64 -63.81 -21.18
N GLY B 131 -8.50 -63.43 -22.44
CA GLY B 131 -9.03 -64.23 -23.52
C GLY B 131 -10.44 -63.91 -23.96
N ALA B 132 -11.14 -63.00 -23.30
CA ALA B 132 -12.51 -62.69 -23.69
C ALA B 132 -12.52 -61.87 -25.00
N LYS B 133 -13.35 -62.31 -25.95
CA LYS B 133 -13.43 -61.67 -27.26
C LYS B 133 -14.31 -60.43 -27.16
N THR B 134 -13.71 -59.26 -27.35
CA THR B 134 -14.29 -58.01 -26.87
C THR B 134 -14.47 -57.01 -28.01
N ALA B 135 -15.59 -56.31 -27.98
CA ALA B 135 -15.81 -55.14 -28.82
C ALA B 135 -16.18 -53.94 -27.95
N VAL B 136 -15.66 -52.77 -28.31
CA VAL B 136 -15.98 -51.51 -27.63
C VAL B 136 -16.64 -50.57 -28.63
N LEU B 137 -17.78 -50.00 -28.26
CA LEU B 137 -18.54 -49.09 -29.11
C LEU B 137 -18.43 -47.67 -28.55
N ASP B 138 -18.11 -46.72 -29.42
CA ASP B 138 -18.09 -45.31 -29.03
C ASP B 138 -18.58 -44.42 -30.17
N TYR B 139 -19.38 -43.41 -29.80
CA TYR B 139 -19.92 -42.43 -30.72
C TYR B 139 -20.14 -41.14 -29.94
N VAL B 140 -19.79 -40.01 -30.55
CA VAL B 140 -19.87 -38.72 -29.86
C VAL B 140 -20.91 -37.87 -30.58
N GLU B 141 -22.09 -37.80 -30.01
CA GLU B 141 -23.16 -36.96 -30.53
C GLU B 141 -22.78 -35.49 -30.46
N PRO B 142 -22.81 -34.75 -31.57
CA PRO B 142 -22.37 -33.34 -31.55
C PRO B 142 -23.14 -32.48 -30.55
N THR B 143 -22.52 -31.37 -30.18
CA THR B 143 -23.18 -30.34 -29.38
C THR B 143 -24.14 -29.56 -30.29
N PRO B 144 -24.95 -28.65 -29.74
CA PRO B 144 -25.85 -27.87 -30.60
C PRO B 144 -25.14 -27.07 -31.69
N ILE B 145 -23.92 -26.57 -31.45
CA ILE B 145 -23.27 -25.78 -32.48
C ILE B 145 -22.29 -26.62 -33.29
N GLY B 146 -22.33 -27.95 -33.11
CA GLY B 146 -21.60 -28.86 -33.97
C GLY B 146 -20.29 -29.44 -33.45
N THR B 147 -19.92 -29.18 -32.19
CA THR B 147 -18.63 -29.63 -31.67
C THR B 147 -18.61 -31.15 -31.51
N THR B 148 -17.48 -31.74 -31.91
CA THR B 148 -17.29 -33.19 -31.85
C THR B 148 -15.83 -33.46 -31.48
N TRP B 149 -15.55 -34.68 -31.00
CA TRP B 149 -14.18 -35.09 -30.60
C TRP B 149 -14.02 -36.60 -30.75
N GLY B 150 -12.84 -37.08 -30.33
CA GLY B 150 -12.40 -38.44 -30.63
C GLY B 150 -12.55 -39.41 -29.48
N LEU B 151 -11.90 -40.57 -29.63
CA LEU B 151 -12.00 -41.65 -28.66
C LEU B 151 -11.45 -41.24 -27.30
N GLY B 152 -12.14 -41.66 -26.23
CA GLY B 152 -11.55 -41.48 -24.92
C GLY B 152 -12.47 -41.08 -23.77
N GLY B 153 -13.58 -40.41 -24.08
CA GLY B 153 -14.54 -40.03 -23.08
C GLY B 153 -14.43 -38.56 -22.69
N THR B 154 -15.27 -38.20 -21.71
CA THR B 154 -15.38 -36.80 -21.29
C THR B 154 -14.07 -36.29 -20.68
N CYS B 155 -13.45 -37.07 -19.78
CA CYS B 155 -12.25 -36.60 -19.08
C CYS B 155 -11.15 -36.27 -20.07
N VAL B 156 -10.85 -37.20 -20.97
CA VAL B 156 -9.78 -37.02 -21.94
C VAL B 156 -10.07 -35.81 -22.85
N ASN B 157 -11.28 -35.71 -23.39
CA ASN B 157 -11.56 -34.73 -24.45
C ASN B 157 -12.20 -33.42 -23.98
N VAL B 158 -12.99 -33.42 -22.91
CA VAL B 158 -13.72 -32.21 -22.51
C VAL B 158 -13.88 -32.14 -21.00
N GLY B 159 -12.91 -32.69 -20.26
CA GLY B 159 -12.99 -32.75 -18.81
C GLY B 159 -11.65 -32.56 -18.12
N CYS B 160 -11.24 -33.55 -17.30
CA CYS B 160 -10.10 -33.36 -16.42
C CYS B 160 -8.83 -32.94 -17.16
N ILE B 161 -8.62 -33.48 -18.35
CA ILE B 161 -7.34 -33.27 -19.01
C ILE B 161 -7.26 -31.86 -19.58
N PRO B 162 -8.20 -31.40 -20.43
CA PRO B 162 -8.10 -30.02 -20.91
C PRO B 162 -8.33 -28.97 -19.83
N LYS B 163 -9.18 -29.22 -18.84
CA LYS B 163 -9.38 -28.17 -17.83
C LYS B 163 -8.14 -28.01 -16.96
N LYS B 164 -7.48 -29.13 -16.60
CA LYS B 164 -6.32 -28.97 -15.73
C LYS B 164 -5.14 -28.35 -16.47
N LEU B 165 -5.05 -28.55 -17.79
CA LEU B 165 -4.02 -27.85 -18.55
C LEU B 165 -4.30 -26.35 -18.62
N MET B 166 -5.58 -25.98 -18.74
CA MET B 166 -5.90 -24.55 -18.76
C MET B 166 -5.77 -23.95 -17.37
N HIS B 167 -6.08 -24.73 -16.33
CA HIS B 167 -5.76 -24.30 -14.96
C HIS B 167 -4.27 -24.00 -14.81
N GLN B 168 -3.42 -24.85 -15.42
CA GLN B 168 -1.97 -24.67 -15.30
C GLN B 168 -1.49 -23.41 -16.00
N ALA B 169 -2.15 -23.05 -17.11
CA ALA B 169 -1.80 -21.80 -17.79
C ALA B 169 -2.18 -20.59 -16.95
N GLY B 170 -3.29 -20.70 -16.21
CA GLY B 170 -3.62 -19.65 -15.27
C GLY B 170 -2.61 -19.56 -14.13
N LEU B 171 -2.20 -20.70 -13.59
CA LEU B 171 -1.22 -20.67 -12.51
C LEU B 171 0.07 -19.98 -12.96
N LEU B 172 0.45 -20.17 -14.22
CA LEU B 172 1.69 -19.57 -14.68
C LEU B 172 1.64 -18.05 -14.68
N SER B 173 0.45 -17.44 -14.69
CA SER B 173 0.41 -15.97 -14.63
C SER B 173 0.95 -15.45 -13.30
N HIS B 174 0.65 -16.14 -12.19
CA HIS B 174 1.21 -15.76 -10.90
C HIS B 174 2.68 -16.15 -10.76
N ALA B 175 3.10 -17.19 -11.46
CA ALA B 175 4.52 -17.54 -11.47
C ALA B 175 5.34 -16.44 -12.14
N LEU B 176 4.86 -15.87 -13.26
CA LEU B 176 5.55 -14.76 -13.89
C LEU B 176 5.66 -13.57 -12.95
N GLU B 177 4.59 -13.27 -12.21
CA GLU B 177 4.63 -12.21 -11.21
C GLU B 177 5.64 -12.54 -10.13
N ASP B 178 5.60 -13.76 -9.60
CA ASP B 178 6.46 -14.10 -8.48
C ASP B 178 7.94 -14.01 -8.85
N ALA B 179 8.29 -14.28 -10.12
CA ALA B 179 9.69 -14.41 -10.48
C ALA B 179 10.45 -13.10 -10.31
N GLU B 180 9.79 -11.96 -10.54
CA GLU B 180 10.43 -10.67 -10.27
C GLU B 180 10.92 -10.60 -8.84
N HIS B 181 10.10 -11.03 -7.88
CA HIS B 181 10.49 -11.01 -6.47
C HIS B 181 11.64 -11.96 -6.18
N PHE B 182 11.73 -13.09 -6.89
CA PHE B 182 12.87 -13.97 -6.69
C PHE B 182 14.08 -13.58 -7.53
N GLY B 183 14.03 -12.41 -8.18
CA GLY B 183 15.20 -11.83 -8.82
C GLY B 183 15.26 -11.95 -10.33
N TRP B 184 14.19 -12.39 -11.00
CA TRP B 184 14.20 -12.50 -12.44
C TRP B 184 13.77 -11.18 -13.07
N SER B 185 14.50 -10.78 -14.13
CA SER B 185 14.43 -9.47 -14.78
C SER B 185 13.25 -9.29 -15.74
N LEU B 186 12.18 -10.09 -15.67
CA LEU B 186 11.05 -9.86 -16.55
C LEU B 186 10.17 -8.74 -16.00
N ASP B 187 9.21 -8.29 -16.82
CA ASP B 187 8.16 -7.36 -16.39
C ASP B 187 6.79 -7.93 -16.72
N ARG B 188 6.12 -8.51 -15.72
CA ARG B 188 4.79 -9.09 -15.89
C ARG B 188 3.81 -8.11 -16.51
N SER B 189 3.94 -6.82 -16.20
CA SER B 189 3.01 -5.81 -16.70
C SER B 189 2.99 -5.74 -18.23
N LYS B 190 4.09 -6.12 -18.88
CA LYS B 190 4.18 -6.02 -20.34
C LYS B 190 4.02 -7.38 -21.05
N ILE B 191 3.25 -8.30 -20.46
CA ILE B 191 3.09 -9.65 -20.99
C ILE B 191 1.60 -9.93 -21.19
N SER B 192 1.26 -10.62 -22.27
CA SER B 192 -0.14 -10.91 -22.55
C SER B 192 -0.29 -12.39 -22.90
N HIS B 193 -1.55 -12.83 -23.05
CA HIS B 193 -1.85 -14.23 -23.30
C HIS B 193 -2.60 -14.43 -24.63
N ASN B 194 -2.22 -15.50 -25.33
CA ASN B 194 -2.78 -15.86 -26.64
C ASN B 194 -3.61 -17.15 -26.50
N TRP B 195 -4.94 -16.99 -26.52
CA TRP B 195 -5.85 -18.13 -26.33
C TRP B 195 -5.64 -19.23 -27.37
N SER B 196 -5.58 -18.84 -28.65
CA SER B 196 -5.50 -19.86 -29.69
C SER B 196 -4.20 -20.67 -29.59
N THR B 197 -3.09 -20.02 -29.25
CA THR B 197 -1.85 -20.77 -29.04
C THR B 197 -2.00 -21.81 -27.93
N MET B 198 -2.71 -21.46 -26.86
CA MET B 198 -2.84 -22.42 -25.77
C MET B 198 -3.77 -23.56 -26.17
N VAL B 199 -4.86 -23.24 -26.86
CA VAL B 199 -5.79 -24.27 -27.31
C VAL B 199 -5.10 -25.25 -28.28
N GLU B 200 -4.20 -24.75 -29.14
CA GLU B 200 -3.50 -25.64 -30.05
C GLU B 200 -2.61 -26.64 -29.28
N GLY B 201 -1.89 -26.18 -28.26
CA GLY B 201 -1.09 -27.09 -27.48
C GLY B 201 -1.91 -28.13 -26.74
N VAL B 202 -3.04 -27.69 -26.16
CA VAL B 202 -3.94 -28.59 -25.43
C VAL B 202 -4.51 -29.64 -26.38
N GLN B 203 -5.02 -29.19 -27.52
CA GLN B 203 -5.68 -30.11 -28.46
C GLN B 203 -4.69 -31.11 -29.07
N SER B 204 -3.45 -30.69 -29.25
CA SER B 204 -2.46 -31.63 -29.76
C SER B 204 -2.20 -32.75 -28.75
N HIS B 205 -2.09 -32.43 -27.45
CA HIS B 205 -1.91 -33.49 -26.46
C HIS B 205 -3.13 -34.39 -26.40
N ILE B 206 -4.33 -33.82 -26.55
CA ILE B 206 -5.53 -34.65 -26.58
C ILE B 206 -5.48 -35.60 -27.77
N GLY B 207 -5.09 -35.07 -28.94
CA GLY B 207 -5.02 -35.90 -30.12
C GLY B 207 -4.06 -37.06 -29.96
N SER B 208 -2.94 -36.85 -29.26
CA SER B 208 -2.07 -37.99 -29.00
C SER B 208 -2.73 -38.99 -28.05
N LEU B 209 -3.70 -38.57 -27.23
CA LEU B 209 -4.40 -39.54 -26.40
C LEU B 209 -5.46 -40.30 -27.20
N ASN B 210 -6.29 -39.58 -27.97
CA ASN B 210 -7.18 -40.24 -28.93
C ASN B 210 -6.47 -41.39 -29.65
N TRP B 211 -5.30 -41.10 -30.22
CA TRP B 211 -4.62 -42.07 -31.05
C TRP B 211 -4.01 -43.19 -30.21
N GLY B 212 -3.46 -42.85 -29.04
CA GLY B 212 -2.94 -43.88 -28.16
C GLY B 212 -3.99 -44.91 -27.74
N TYR B 213 -5.22 -44.45 -27.47
CA TYR B 213 -6.28 -45.37 -27.08
C TYR B 213 -6.59 -46.37 -28.20
N LYS B 214 -6.76 -45.88 -29.44
CA LYS B 214 -7.02 -46.77 -30.56
C LYS B 214 -5.89 -47.79 -30.73
N VAL B 215 -4.62 -47.34 -30.64
CA VAL B 215 -3.50 -48.26 -30.70
C VAL B 215 -3.60 -49.30 -29.60
N ALA B 216 -3.99 -48.87 -28.39
CA ALA B 216 -4.06 -49.81 -27.27
C ALA B 216 -5.13 -50.88 -27.50
N LEU B 217 -6.26 -50.50 -28.09
CA LEU B 217 -7.27 -51.51 -28.38
C LEU B 217 -6.78 -52.51 -29.42
N ARG B 218 -6.14 -52.01 -30.49
CA ARG B 218 -5.58 -52.89 -31.50
C ARG B 218 -4.56 -53.85 -30.90
N ASP B 219 -3.62 -53.33 -30.11
CA ASP B 219 -2.61 -54.22 -29.55
C ASP B 219 -3.15 -55.16 -28.46
N ASN B 220 -4.41 -54.99 -28.04
CA ASN B 220 -5.08 -55.95 -27.17
C ASN B 220 -6.11 -56.81 -27.90
N GLN B 221 -6.16 -56.70 -29.24
CA GLN B 221 -7.11 -57.46 -30.06
C GLN B 221 -8.56 -57.18 -29.64
N VAL B 222 -8.90 -55.90 -29.62
CA VAL B 222 -10.26 -55.47 -29.32
C VAL B 222 -10.86 -54.83 -30.57
N THR B 223 -12.08 -55.21 -30.90
CA THR B 223 -12.78 -54.59 -32.02
C THR B 223 -13.33 -53.24 -31.59
N TYR B 224 -12.93 -52.19 -32.28
CA TYR B 224 -13.41 -50.84 -32.02
C TYR B 224 -14.38 -50.43 -33.13
N LEU B 225 -15.61 -50.13 -32.75
CA LEU B 225 -16.64 -49.72 -33.69
C LEU B 225 -17.05 -48.28 -33.34
N ASN B 226 -16.72 -47.35 -34.23
CA ASN B 226 -17.17 -45.96 -34.11
C ASN B 226 -18.62 -45.89 -34.60
N ALA B 227 -19.52 -46.44 -33.78
CA ALA B 227 -20.94 -46.44 -34.12
C ALA B 227 -21.77 -46.32 -32.85
N LYS B 228 -23.00 -45.82 -33.01
CA LYS B 228 -23.90 -45.68 -31.88
C LYS B 228 -24.54 -47.04 -31.57
N GLY B 229 -24.44 -47.48 -30.32
CA GLY B 229 -25.00 -48.74 -29.89
C GLY B 229 -26.29 -48.62 -29.09
N ARG B 230 -27.11 -49.67 -29.16
CA ARG B 230 -28.41 -49.68 -28.50
C ARG B 230 -28.74 -51.10 -28.08
N LEU B 231 -28.91 -51.30 -26.77
CA LEU B 231 -29.34 -52.59 -26.26
C LEU B 231 -30.85 -52.75 -26.51
N ILE B 232 -31.20 -53.76 -27.30
CA ILE B 232 -32.59 -54.04 -27.63
C ILE B 232 -33.14 -55.28 -26.93
N SER B 233 -32.30 -56.21 -26.54
CA SER B 233 -32.68 -57.35 -25.73
C SER B 233 -31.43 -57.74 -24.92
N PRO B 234 -31.56 -58.70 -23.96
CA PRO B 234 -30.41 -58.95 -23.07
C PRO B 234 -29.07 -59.12 -23.77
N HIS B 235 -29.01 -59.78 -24.93
CA HIS B 235 -27.76 -60.11 -25.61
C HIS B 235 -27.63 -59.48 -26.98
N GLU B 236 -28.57 -58.64 -27.41
CA GLU B 236 -28.58 -58.09 -28.76
C GLU B 236 -28.30 -56.60 -28.70
N VAL B 237 -27.26 -56.16 -29.41
CA VAL B 237 -26.88 -54.76 -29.49
C VAL B 237 -27.01 -54.29 -30.93
N GLN B 238 -27.83 -53.29 -31.16
CA GLN B 238 -28.01 -52.72 -32.48
C GLN B 238 -27.04 -51.55 -32.67
N ILE B 239 -26.37 -51.50 -33.82
CA ILE B 239 -25.37 -50.48 -34.09
C ILE B 239 -25.76 -49.71 -35.34
N THR B 240 -25.43 -48.41 -35.37
CA THR B 240 -25.71 -47.55 -36.52
C THR B 240 -24.45 -46.77 -36.84
N ASP B 241 -23.86 -47.01 -38.02
CA ASP B 241 -22.54 -46.46 -38.32
C ASP B 241 -22.67 -45.06 -38.92
N LYS B 242 -21.55 -44.51 -39.39
CA LYS B 242 -21.48 -43.12 -39.86
C LYS B 242 -22.18 -42.92 -41.21
N ASN B 243 -22.64 -43.98 -41.87
CA ASN B 243 -23.50 -43.87 -43.05
C ASN B 243 -24.95 -44.21 -42.73
N GLN B 244 -25.29 -44.35 -41.46
CA GLN B 244 -26.62 -44.75 -41.00
C GLN B 244 -27.01 -46.15 -41.44
N LYS B 245 -26.02 -46.99 -41.76
CA LYS B 245 -26.25 -48.43 -41.86
C LYS B 245 -26.58 -49.01 -40.49
N VAL B 246 -27.56 -49.91 -40.44
CA VAL B 246 -28.03 -50.50 -39.21
C VAL B 246 -27.79 -52.00 -39.25
N SER B 247 -27.30 -52.56 -38.14
CA SER B 247 -27.12 -54.00 -38.03
C SER B 247 -27.15 -54.38 -36.55
N THR B 248 -26.83 -55.65 -36.27
CA THR B 248 -26.98 -56.23 -34.94
C THR B 248 -25.80 -57.14 -34.66
N ILE B 249 -25.29 -57.07 -33.43
CA ILE B 249 -24.28 -57.99 -32.95
C ILE B 249 -24.76 -58.53 -31.61
N THR B 250 -24.19 -59.67 -31.20
CA THR B 250 -24.60 -60.30 -29.95
C THR B 250 -23.40 -60.57 -29.04
N GLY B 251 -23.64 -60.48 -27.75
CA GLY B 251 -22.59 -60.73 -26.78
C GLY B 251 -23.15 -61.40 -25.54
N ASN B 252 -22.31 -62.20 -24.89
CA ASN B 252 -22.66 -62.85 -23.64
C ASN B 252 -22.84 -61.84 -22.51
N LYS B 253 -21.74 -61.17 -22.12
CA LYS B 253 -21.79 -60.14 -21.12
C LYS B 253 -21.84 -58.77 -21.78
N ILE B 254 -22.55 -57.83 -21.16
CA ILE B 254 -22.72 -56.48 -21.67
C ILE B 254 -22.39 -55.50 -20.55
N ILE B 255 -21.63 -54.45 -20.87
CA ILE B 255 -21.32 -53.38 -19.92
C ILE B 255 -21.77 -52.05 -20.51
N LEU B 256 -22.70 -51.37 -19.83
CA LEU B 256 -23.12 -50.03 -20.22
C LEU B 256 -22.22 -49.01 -19.53
N ALA B 257 -21.65 -48.10 -20.32
CA ALA B 257 -20.67 -47.15 -19.80
C ALA B 257 -20.74 -45.86 -20.63
N THR B 258 -21.93 -45.30 -20.80
CA THR B 258 -22.11 -44.25 -21.80
C THR B 258 -22.07 -42.83 -21.22
N GLY B 259 -22.02 -42.65 -19.90
CA GLY B 259 -21.73 -41.32 -19.36
C GLY B 259 -22.89 -40.33 -19.42
N GLU B 260 -22.55 -39.04 -19.32
CA GLU B 260 -23.54 -37.96 -19.32
C GLU B 260 -23.10 -36.83 -20.27
N ARG B 261 -24.00 -35.87 -20.48
CA ARG B 261 -23.66 -34.64 -21.20
C ARG B 261 -24.29 -33.46 -20.47
N PRO B 262 -23.93 -32.22 -20.80
CA PRO B 262 -24.40 -31.08 -19.99
C PRO B 262 -25.86 -30.73 -20.22
N LYS B 263 -26.49 -30.19 -19.16
CA LYS B 263 -27.85 -29.69 -19.22
C LYS B 263 -27.88 -28.22 -19.64
N TYR B 264 -29.00 -27.82 -20.25
CA TYR B 264 -29.33 -26.41 -20.49
C TYR B 264 -30.58 -26.04 -19.70
N PRO B 265 -30.68 -24.82 -19.20
CA PRO B 265 -31.92 -24.39 -18.57
C PRO B 265 -33.00 -24.08 -19.59
N GLU B 266 -34.25 -24.30 -19.18
CA GLU B 266 -35.41 -24.20 -20.08
C GLU B 266 -35.85 -22.74 -20.24
N ILE B 267 -35.08 -22.00 -21.04
CA ILE B 267 -35.34 -20.58 -21.25
C ILE B 267 -35.00 -20.24 -22.71
N PRO B 268 -35.57 -19.12 -23.19
CA PRO B 268 -35.30 -18.74 -24.59
C PRO B 268 -33.85 -18.34 -24.83
N GLY B 269 -33.29 -18.86 -25.92
CA GLY B 269 -31.98 -18.45 -26.41
C GLY B 269 -30.82 -19.27 -25.89
N ALA B 270 -31.03 -20.09 -24.86
CA ALA B 270 -29.91 -20.74 -24.18
C ALA B 270 -29.18 -21.69 -25.11
N VAL B 271 -29.92 -22.63 -25.72
CA VAL B 271 -29.32 -23.58 -26.65
C VAL B 271 -28.77 -22.86 -27.88
N GLU B 272 -29.43 -21.79 -28.32
CA GLU B 272 -29.04 -21.13 -29.56
C GLU B 272 -27.78 -20.31 -29.40
N TYR B 273 -27.66 -19.56 -28.31
CA TYR B 273 -26.59 -18.57 -28.23
C TYR B 273 -25.55 -18.82 -27.14
N GLY B 274 -25.83 -19.69 -26.13
CA GLY B 274 -24.83 -20.06 -25.15
C GLY B 274 -23.96 -21.25 -25.60
N ILE B 275 -22.95 -21.56 -24.79
CA ILE B 275 -22.11 -22.73 -24.98
C ILE B 275 -22.06 -23.50 -23.65
N THR B 276 -21.42 -24.66 -23.64
CA THR B 276 -21.11 -25.37 -22.39
C THR B 276 -19.68 -25.85 -22.41
N SER B 277 -19.28 -26.50 -21.32
CA SER B 277 -17.93 -27.02 -21.23
C SER B 277 -17.57 -27.95 -22.39
N ASP B 278 -18.57 -28.61 -23.02
CA ASP B 278 -18.31 -29.43 -24.20
C ASP B 278 -17.65 -28.60 -25.31
N ASP B 279 -18.06 -27.34 -25.46
CA ASP B 279 -17.55 -26.46 -26.52
C ASP B 279 -16.32 -25.66 -26.12
N LEU B 280 -16.13 -25.39 -24.82
CA LEU B 280 -15.14 -24.39 -24.42
C LEU B 280 -13.70 -24.85 -24.66
N PHE B 281 -13.42 -26.15 -24.55
CA PHE B 281 -12.01 -26.55 -24.62
C PHE B 281 -11.46 -26.63 -26.04
N SER B 282 -12.27 -26.46 -27.07
CA SER B 282 -11.74 -26.33 -28.43
C SER B 282 -12.21 -25.06 -29.11
N LEU B 283 -12.73 -24.09 -28.36
CA LEU B 283 -13.23 -22.86 -28.94
C LEU B 283 -12.15 -22.20 -29.80
N PRO B 284 -12.45 -21.83 -31.05
CA PRO B 284 -11.42 -21.21 -31.89
C PRO B 284 -11.07 -19.77 -31.50
N TYR B 285 -11.89 -19.10 -30.70
CA TYR B 285 -11.68 -17.70 -30.32
C TYR B 285 -11.72 -17.54 -28.80
N PHE B 286 -10.98 -16.55 -28.30
CA PHE B 286 -11.07 -16.24 -26.87
C PHE B 286 -12.51 -15.87 -26.51
N PRO B 287 -13.01 -16.31 -25.35
CA PRO B 287 -14.41 -15.99 -24.97
C PRO B 287 -14.68 -14.52 -24.77
N GLY B 288 -13.68 -13.72 -24.40
CA GLY B 288 -13.91 -12.33 -24.04
C GLY B 288 -14.68 -12.23 -22.75
N LYS B 289 -15.37 -11.09 -22.58
CA LYS B 289 -16.24 -10.91 -21.43
C LYS B 289 -17.24 -12.06 -21.34
N THR B 290 -17.15 -12.83 -20.25
CA THR B 290 -17.86 -14.09 -20.13
C THR B 290 -18.78 -14.09 -18.91
N LEU B 291 -19.97 -14.64 -19.10
CA LEU B 291 -20.87 -14.97 -18.01
C LEU B 291 -20.89 -16.48 -17.85
N VAL B 292 -20.67 -16.96 -16.62
CA VAL B 292 -20.78 -18.38 -16.28
C VAL B 292 -22.00 -18.53 -15.38
N ILE B 293 -22.93 -19.38 -15.80
CA ILE B 293 -24.18 -19.62 -15.08
C ILE B 293 -24.12 -20.99 -14.42
N GLY B 294 -24.30 -21.02 -13.10
CA GLY B 294 -24.14 -22.22 -12.31
C GLY B 294 -23.08 -22.05 -11.23
N ALA B 295 -22.98 -23.08 -10.36
CA ALA B 295 -22.16 -22.96 -9.17
C ALA B 295 -21.40 -24.25 -8.83
N SER B 296 -21.30 -25.17 -9.78
CA SER B 296 -20.62 -26.44 -9.58
C SER B 296 -19.12 -26.24 -9.57
N TYR B 297 -18.39 -27.35 -9.39
CA TYR B 297 -16.95 -27.28 -9.55
C TYR B 297 -16.58 -27.05 -11.01
N VAL B 298 -17.42 -27.49 -11.94
CA VAL B 298 -17.22 -27.17 -13.36
C VAL B 298 -17.26 -25.66 -13.56
N ALA B 299 -18.26 -24.99 -12.99
CA ALA B 299 -18.42 -23.55 -13.18
C ALA B 299 -17.26 -22.78 -12.58
N LEU B 300 -16.80 -23.17 -11.38
CA LEU B 300 -15.80 -22.39 -10.67
C LEU B 300 -14.41 -22.60 -11.25
N GLU B 301 -14.10 -23.80 -11.71
CA GLU B 301 -12.78 -24.05 -12.31
C GLU B 301 -12.61 -23.26 -13.62
N CYS B 302 -13.64 -23.27 -14.48
CA CYS B 302 -13.54 -22.56 -15.75
C CYS B 302 -13.51 -21.04 -15.55
N ALA B 303 -14.41 -20.51 -14.72
CA ALA B 303 -14.33 -19.10 -14.39
C ALA B 303 -12.97 -18.75 -13.82
N GLY B 304 -12.42 -19.64 -12.98
CA GLY B 304 -11.12 -19.39 -12.37
C GLY B 304 -9.99 -19.21 -13.38
N PHE B 305 -9.89 -20.12 -14.36
CA PHE B 305 -8.77 -19.94 -15.28
C PHE B 305 -9.05 -18.86 -16.33
N LEU B 306 -10.30 -18.64 -16.73
CA LEU B 306 -10.58 -17.53 -17.66
C LEU B 306 -10.12 -16.20 -17.07
N ALA B 307 -10.41 -15.96 -15.79
CA ALA B 307 -9.98 -14.71 -15.17
C ALA B 307 -8.46 -14.63 -15.05
N SER B 308 -7.81 -15.76 -14.82
CA SER B 308 -6.36 -15.76 -14.67
C SER B 308 -5.67 -15.51 -16.00
N LEU B 309 -6.34 -15.79 -17.12
CA LEU B 309 -5.80 -15.49 -18.44
C LEU B 309 -6.27 -14.14 -18.96
N GLY B 310 -6.78 -13.27 -18.08
CA GLY B 310 -7.11 -11.90 -18.43
C GLY B 310 -8.54 -11.62 -18.84
N GLY B 311 -9.43 -12.60 -18.81
CA GLY B 311 -10.82 -12.34 -19.14
C GLY B 311 -11.56 -11.62 -18.03
N ASP B 312 -12.65 -10.94 -18.43
CA ASP B 312 -13.59 -10.25 -17.55
C ASP B 312 -14.73 -11.22 -17.26
N VAL B 313 -14.71 -11.85 -16.08
CA VAL B 313 -15.55 -13.02 -15.80
C VAL B 313 -16.57 -12.71 -14.72
N THR B 314 -17.81 -13.17 -14.92
CA THR B 314 -18.86 -13.08 -13.90
C THR B 314 -19.50 -14.45 -13.71
N VAL B 315 -19.79 -14.80 -12.46
CA VAL B 315 -20.49 -16.04 -12.13
C VAL B 315 -21.85 -15.69 -11.52
N MET B 316 -22.93 -16.32 -12.06
CA MET B 316 -24.30 -16.20 -11.54
C MET B 316 -24.64 -17.42 -10.68
N VAL B 317 -24.97 -17.18 -9.42
CA VAL B 317 -25.16 -18.23 -8.43
C VAL B 317 -26.64 -18.27 -8.02
N ARG B 318 -27.33 -19.35 -8.35
CA ARG B 318 -28.72 -19.51 -7.91
C ARG B 318 -28.84 -19.44 -6.39
N SER B 319 -28.08 -20.29 -5.66
CA SER B 319 -28.21 -20.38 -4.20
C SER B 319 -26.87 -20.41 -3.46
N ILE B 320 -26.14 -21.52 -3.49
CA ILE B 320 -24.87 -21.63 -2.77
C ILE B 320 -23.78 -22.12 -3.72
N LEU B 321 -22.54 -21.98 -3.26
CA LEU B 321 -21.38 -22.49 -3.98
C LEU B 321 -21.14 -23.95 -3.60
N LEU B 322 -20.92 -24.80 -4.60
CA LEU B 322 -20.51 -26.19 -4.41
C LEU B 322 -21.44 -26.93 -3.46
N ARG B 323 -22.71 -27.00 -3.86
CA ARG B 323 -23.70 -27.71 -3.06
C ARG B 323 -23.26 -29.15 -2.89
N GLY B 324 -23.32 -29.65 -1.65
CA GLY B 324 -22.88 -30.99 -1.34
C GLY B 324 -21.48 -31.06 -0.75
N PHE B 325 -20.65 -30.05 -0.97
CA PHE B 325 -19.34 -29.95 -0.33
C PHE B 325 -19.46 -29.17 0.99
N ASP B 326 -18.48 -29.37 1.86
CA ASP B 326 -18.32 -28.56 3.07
C ASP B 326 -18.44 -27.07 2.76
N GLN B 327 -19.39 -26.39 3.42
CA GLN B 327 -19.72 -25.03 3.02
C GLN B 327 -18.75 -23.98 3.58
N GLN B 328 -18.13 -24.23 4.74
CA GLN B 328 -17.02 -23.36 5.17
C GLN B 328 -15.96 -23.27 4.09
N MET B 329 -15.54 -24.43 3.57
CA MET B 329 -14.50 -24.47 2.54
C MET B 329 -14.98 -23.86 1.23
N ALA B 330 -16.21 -24.17 0.82
CA ALA B 330 -16.79 -23.56 -0.37
C ALA B 330 -16.67 -22.05 -0.31
N GLU B 331 -16.98 -21.47 0.85
CA GLU B 331 -17.00 -20.02 0.99
C GLU B 331 -15.58 -19.45 0.94
N LYS B 332 -14.63 -20.11 1.59
CA LYS B 332 -13.24 -19.70 1.47
C LYS B 332 -12.78 -19.75 0.01
N VAL B 333 -13.25 -20.75 -0.74
CA VAL B 333 -12.89 -20.87 -2.15
C VAL B 333 -13.39 -19.66 -2.93
N GLY B 334 -14.68 -19.35 -2.79
CA GLY B 334 -15.25 -18.27 -3.57
C GLY B 334 -14.74 -16.90 -3.16
N ASP B 335 -14.50 -16.71 -1.85
CA ASP B 335 -13.97 -15.43 -1.37
C ASP B 335 -12.61 -15.14 -1.95
N TYR B 336 -11.78 -16.17 -2.11
CA TYR B 336 -10.50 -15.99 -2.79
C TYR B 336 -10.71 -15.59 -4.25
N MET B 337 -11.55 -16.32 -4.96
CA MET B 337 -11.83 -16.00 -6.36
C MET B 337 -12.33 -14.55 -6.49
N GLU B 338 -13.17 -14.11 -5.54
CA GLU B 338 -13.74 -12.77 -5.63
C GLU B 338 -12.69 -11.70 -5.39
N ASN B 339 -11.73 -11.96 -4.50
CA ASN B 339 -10.65 -11.00 -4.26
C ASN B 339 -9.72 -10.91 -5.46
N HIS B 340 -9.57 -11.99 -6.22
CA HIS B 340 -8.61 -12.02 -7.32
C HIS B 340 -9.28 -11.88 -8.68
N GLY B 341 -10.37 -11.11 -8.78
CA GLY B 341 -10.89 -10.82 -10.10
C GLY B 341 -12.32 -11.23 -10.39
N VAL B 342 -12.68 -12.48 -10.09
CA VAL B 342 -14.01 -12.99 -10.48
C VAL B 342 -15.10 -12.19 -9.77
N LYS B 343 -16.12 -11.78 -10.52
CA LYS B 343 -17.29 -11.10 -9.99
C LYS B 343 -18.45 -12.09 -9.85
N PHE B 344 -19.28 -11.87 -8.83
CA PHE B 344 -20.38 -12.77 -8.48
C PHE B 344 -21.71 -12.04 -8.40
N ALA B 345 -22.74 -12.59 -9.05
CA ALA B 345 -24.12 -12.12 -8.95
C ALA B 345 -24.89 -13.15 -8.14
N LYS B 346 -25.06 -12.88 -6.85
CA LYS B 346 -25.50 -13.89 -5.89
C LYS B 346 -27.02 -13.94 -5.80
N LEU B 347 -27.56 -15.15 -5.67
CA LEU B 347 -29.00 -15.40 -5.59
C LEU B 347 -29.72 -14.83 -6.82
N CYS B 348 -29.31 -15.35 -7.98
CA CYS B 348 -29.74 -14.84 -9.28
C CYS B 348 -29.93 -16.02 -10.23
N VAL B 349 -30.91 -15.90 -11.12
CA VAL B 349 -31.20 -16.93 -12.11
C VAL B 349 -31.49 -16.28 -13.45
N PRO B 350 -31.14 -16.95 -14.54
CA PRO B 350 -31.32 -16.33 -15.87
C PRO B 350 -32.75 -16.50 -16.36
N ASP B 351 -33.26 -15.47 -17.06
CA ASP B 351 -34.59 -15.52 -17.67
C ASP B 351 -34.59 -15.74 -19.19
N GLU B 352 -33.63 -15.16 -19.93
CA GLU B 352 -33.55 -15.29 -21.39
C GLU B 352 -32.21 -14.76 -21.90
N ILE B 353 -31.76 -15.33 -23.02
CA ILE B 353 -30.55 -14.89 -23.74
C ILE B 353 -30.98 -14.39 -25.11
N LYS B 354 -30.65 -13.14 -25.42
CA LYS B 354 -31.02 -12.51 -26.68
C LYS B 354 -29.77 -12.13 -27.47
N GLN B 355 -29.80 -12.36 -28.78
CA GLN B 355 -28.59 -12.22 -29.59
C GLN B 355 -28.45 -10.80 -30.11
N LEU B 356 -27.26 -10.22 -29.96
CA LEU B 356 -26.96 -8.90 -30.51
C LEU B 356 -25.89 -8.92 -31.59
N LYS B 357 -24.91 -9.83 -31.51
CA LYS B 357 -23.94 -10.04 -32.58
C LYS B 357 -23.72 -11.54 -32.74
N VAL B 358 -23.45 -11.93 -33.97
CA VAL B 358 -23.26 -13.32 -34.34
C VAL B 358 -21.78 -13.63 -34.22
N VAL B 359 -21.46 -14.89 -33.92
CA VAL B 359 -20.07 -15.29 -33.87
C VAL B 359 -19.43 -14.95 -35.22
N ASP B 360 -18.39 -14.12 -35.17
CA ASP B 360 -17.67 -13.67 -36.37
C ASP B 360 -16.66 -14.76 -36.72
N THR B 361 -17.08 -15.68 -37.56
CA THR B 361 -16.27 -16.86 -37.82
C THR B 361 -15.07 -16.58 -38.73
N GLU B 362 -15.08 -15.45 -39.44
CA GLU B 362 -13.92 -15.07 -40.26
C GLU B 362 -12.77 -14.61 -39.39
N ASN B 363 -12.94 -13.46 -38.73
CA ASN B 363 -11.88 -12.82 -37.95
C ASN B 363 -11.66 -13.46 -36.60
N ASN B 364 -12.30 -14.59 -36.29
CA ASN B 364 -11.99 -15.33 -35.08
C ASN B 364 -12.36 -14.52 -33.84
N LYS B 365 -13.64 -14.17 -33.71
CA LYS B 365 -14.11 -13.27 -32.68
C LYS B 365 -15.46 -13.75 -32.16
N PRO B 366 -15.76 -13.52 -30.89
CA PRO B 366 -17.09 -13.89 -30.37
C PRO B 366 -18.18 -12.96 -30.91
N GLY B 367 -19.42 -13.30 -30.58
CA GLY B 367 -20.52 -12.41 -30.88
C GLY B 367 -20.78 -11.43 -29.76
N LEU B 368 -22.06 -11.25 -29.40
CA LEU B 368 -22.47 -10.37 -28.32
C LEU B 368 -23.89 -10.75 -27.90
N LEU B 369 -24.10 -10.96 -26.60
CA LEU B 369 -25.39 -11.38 -26.10
C LEU B 369 -25.93 -10.35 -25.11
N LEU B 370 -27.25 -10.41 -24.88
CA LEU B 370 -27.90 -9.67 -23.81
C LEU B 370 -28.58 -10.67 -22.88
N VAL B 371 -28.12 -10.74 -21.63
CA VAL B 371 -28.66 -11.67 -20.64
C VAL B 371 -29.61 -10.92 -19.70
N LYS B 372 -30.81 -11.44 -19.54
CA LYS B 372 -31.81 -10.84 -18.67
C LYS B 372 -32.26 -11.87 -17.64
N GLY B 373 -32.38 -11.44 -16.38
CA GLY B 373 -32.82 -12.32 -15.32
C GLY B 373 -33.13 -11.52 -14.07
N HIS B 374 -33.44 -12.25 -12.99
CA HIS B 374 -33.94 -11.62 -11.76
C HIS B 374 -33.31 -12.24 -10.51
N TYR B 375 -33.11 -11.38 -9.52
CA TYR B 375 -32.61 -11.77 -8.20
C TYR B 375 -33.74 -12.38 -7.36
N THR B 376 -33.33 -13.00 -6.26
CA THR B 376 -34.28 -13.81 -5.50
C THR B 376 -35.31 -12.95 -4.74
N ASP B 377 -34.95 -11.71 -4.41
CA ASP B 377 -35.87 -10.78 -3.76
C ASP B 377 -36.86 -10.15 -4.72
N GLY B 378 -36.54 -10.14 -6.01
CA GLY B 378 -37.41 -9.55 -7.02
C GLY B 378 -36.74 -8.61 -8.00
N LYS B 379 -35.63 -7.98 -7.60
CA LYS B 379 -34.91 -7.04 -8.45
C LYS B 379 -34.46 -7.72 -9.75
N LYS B 380 -33.92 -6.91 -10.66
CA LYS B 380 -33.75 -7.29 -12.05
C LYS B 380 -32.29 -7.25 -12.47
N PHE B 381 -31.86 -8.25 -13.25
CA PHE B 381 -30.51 -8.35 -13.80
C PHE B 381 -30.56 -8.14 -15.31
N GLU B 382 -29.72 -7.23 -15.81
CA GLU B 382 -29.59 -6.99 -17.26
C GLU B 382 -28.19 -6.49 -17.58
N GLU B 383 -27.50 -7.18 -18.49
CA GLU B 383 -26.08 -6.95 -18.79
C GLU B 383 -25.71 -7.70 -20.08
N GLU B 384 -24.73 -7.18 -20.81
CA GLU B 384 -24.29 -7.73 -22.07
C GLU B 384 -22.98 -8.51 -21.90
N PHE B 385 -22.86 -9.64 -22.62
CA PHE B 385 -21.67 -10.49 -22.56
C PHE B 385 -21.34 -11.00 -23.96
N GLU B 386 -20.07 -11.31 -24.18
CA GLU B 386 -19.62 -11.84 -25.47
C GLU B 386 -19.76 -13.35 -25.56
N THR B 387 -19.65 -14.05 -24.43
CA THR B 387 -19.88 -15.49 -24.32
C THR B 387 -20.70 -15.76 -23.07
N VAL B 388 -21.54 -16.78 -23.13
CA VAL B 388 -22.28 -17.24 -21.96
C VAL B 388 -22.09 -18.75 -21.86
N ILE B 389 -21.61 -19.21 -20.71
CA ILE B 389 -21.30 -20.61 -20.46
C ILE B 389 -22.28 -21.17 -19.44
N PHE B 390 -23.01 -22.22 -19.80
CA PHE B 390 -23.91 -22.92 -18.89
C PHE B 390 -23.17 -24.09 -18.26
N ALA B 391 -23.20 -24.15 -16.93
CA ALA B 391 -22.66 -25.27 -16.16
C ALA B 391 -23.64 -25.54 -15.02
N VAL B 392 -24.81 -26.05 -15.38
CA VAL B 392 -25.90 -26.21 -14.43
C VAL B 392 -26.22 -27.70 -14.26
N GLY B 393 -25.21 -28.55 -14.32
CA GLY B 393 -25.40 -29.96 -14.07
C GLY B 393 -25.26 -30.79 -15.33
N ARG B 394 -25.20 -32.11 -15.10
CA ARG B 394 -25.05 -33.08 -16.18
C ARG B 394 -26.03 -34.23 -15.95
N GLU B 395 -26.38 -34.94 -17.03
CA GLU B 395 -27.36 -36.02 -16.93
C GLU B 395 -27.12 -37.03 -18.04
N PRO B 396 -27.56 -38.29 -17.84
CA PRO B 396 -27.49 -39.29 -18.90
C PRO B 396 -28.73 -39.26 -19.76
N GLN B 397 -28.78 -40.08 -20.79
CA GLN B 397 -30.06 -40.14 -21.50
C GLN B 397 -30.18 -41.55 -22.07
N LEU B 398 -30.49 -42.49 -21.17
CA LEU B 398 -30.42 -43.90 -21.49
C LEU B 398 -31.48 -44.34 -22.48
N SER B 399 -32.52 -43.53 -22.69
CA SER B 399 -33.49 -43.82 -23.75
C SER B 399 -32.82 -43.85 -25.13
N LYS B 400 -31.75 -43.07 -25.34
CA LYS B 400 -30.96 -43.20 -26.57
C LYS B 400 -30.25 -44.55 -26.65
N VAL B 401 -30.02 -45.18 -25.50
CA VAL B 401 -29.05 -46.26 -25.43
C VAL B 401 -29.70 -47.61 -25.17
N LEU B 402 -30.80 -47.65 -24.42
CA LEU B 402 -31.28 -48.88 -23.85
C LEU B 402 -32.80 -48.92 -23.93
N CYS B 403 -33.32 -49.92 -24.65
CA CYS B 403 -34.75 -50.05 -24.81
C CYS B 403 -35.44 -50.40 -23.49
N GLU B 404 -36.50 -49.65 -23.18
CA GLU B 404 -37.27 -49.85 -21.96
C GLU B 404 -37.87 -51.25 -21.88
N THR B 405 -37.91 -52.02 -22.97
CA THR B 405 -38.44 -53.36 -22.89
C THR B 405 -37.42 -54.40 -22.42
N VAL B 406 -36.13 -54.04 -22.37
CA VAL B 406 -35.13 -55.02 -21.98
C VAL B 406 -35.26 -55.39 -20.51
N GLY B 407 -35.66 -54.46 -19.67
CA GLY B 407 -35.87 -54.71 -18.26
C GLY B 407 -34.80 -54.19 -17.30
N VAL B 408 -34.04 -53.18 -17.67
CA VAL B 408 -32.98 -52.62 -16.82
C VAL B 408 -33.62 -51.51 -15.98
N LYS B 409 -33.73 -51.73 -14.66
CA LYS B 409 -34.36 -50.74 -13.79
C LYS B 409 -33.54 -49.46 -13.72
N LEU B 410 -34.21 -48.31 -13.89
CA LEU B 410 -33.62 -47.00 -13.70
C LEU B 410 -34.19 -46.33 -12.45
N ASP B 411 -33.55 -45.24 -12.01
CA ASP B 411 -34.07 -44.47 -10.89
C ASP B 411 -34.73 -43.19 -11.38
N LYS B 412 -35.19 -42.37 -10.43
CA LYS B 412 -35.95 -41.18 -10.76
C LYS B 412 -35.12 -40.17 -11.54
N ASN B 413 -33.79 -40.29 -11.49
CA ASN B 413 -32.89 -39.38 -12.19
C ASN B 413 -32.41 -39.94 -13.53
N GLY B 414 -32.94 -41.08 -13.97
CA GLY B 414 -32.48 -41.67 -15.20
C GLY B 414 -31.23 -42.52 -15.08
N ARG B 415 -30.79 -42.85 -13.87
CA ARG B 415 -29.56 -43.59 -13.65
C ARG B 415 -29.86 -45.04 -13.29
N VAL B 416 -28.88 -45.91 -13.57
CA VAL B 416 -29.09 -47.36 -13.52
C VAL B 416 -28.95 -47.88 -12.09
N VAL B 417 -29.94 -48.64 -11.63
CA VAL B 417 -29.90 -49.23 -10.29
C VAL B 417 -29.11 -50.53 -10.36
N CYS B 418 -28.07 -50.66 -9.53
CA CYS B 418 -27.25 -51.87 -9.49
C CYS B 418 -27.03 -52.35 -8.07
N THR B 419 -26.62 -53.61 -7.95
CA THR B 419 -26.15 -54.12 -6.68
C THR B 419 -24.67 -53.75 -6.49
N ASP B 420 -24.11 -54.17 -5.37
CA ASP B 420 -22.80 -53.63 -5.06
C ASP B 420 -21.65 -54.22 -5.94
N ASP B 421 -22.01 -55.02 -6.96
CA ASP B 421 -21.07 -55.59 -7.92
C ASP B 421 -21.37 -55.13 -9.34
N GLU B 422 -22.03 -53.98 -9.51
CA GLU B 422 -22.38 -53.38 -10.80
C GLU B 422 -23.44 -54.15 -11.60
N GLN B 423 -24.05 -55.19 -11.03
CA GLN B 423 -25.05 -55.95 -11.78
C GLN B 423 -26.38 -55.20 -11.81
N THR B 424 -26.98 -55.10 -13.01
CA THR B 424 -28.30 -54.49 -13.19
C THR B 424 -29.38 -55.52 -12.84
N THR B 425 -30.65 -55.21 -13.16
CA THR B 425 -31.72 -56.17 -12.95
C THR B 425 -31.82 -57.21 -14.07
N VAL B 426 -31.10 -57.04 -15.16
CA VAL B 426 -30.91 -58.09 -16.16
C VAL B 426 -29.54 -58.71 -15.92
N SER B 427 -29.52 -60.01 -15.62
CA SER B 427 -28.39 -60.58 -14.90
C SER B 427 -27.08 -60.53 -15.68
N ASN B 428 -27.11 -60.54 -17.01
CA ASN B 428 -25.86 -60.53 -17.78
C ASN B 428 -25.41 -59.10 -18.16
N VAL B 429 -26.09 -58.07 -17.69
CA VAL B 429 -25.83 -56.69 -18.08
C VAL B 429 -25.38 -55.91 -16.86
N TYR B 430 -24.32 -55.11 -17.01
CA TYR B 430 -23.77 -54.34 -15.91
C TYR B 430 -23.67 -52.87 -16.29
N ALA B 431 -23.52 -52.01 -15.29
CA ALA B 431 -23.35 -50.58 -15.54
C ALA B 431 -22.24 -50.04 -14.65
N ILE B 432 -21.33 -49.25 -15.24
CA ILE B 432 -20.17 -48.67 -14.56
C ILE B 432 -20.06 -47.18 -14.88
N GLY B 433 -19.41 -46.45 -13.97
CA GLY B 433 -19.16 -45.03 -14.21
C GLY B 433 -20.34 -44.15 -13.87
N ASP B 434 -20.37 -42.98 -14.51
CA ASP B 434 -21.28 -41.90 -14.12
C ASP B 434 -22.76 -42.29 -14.18
N ILE B 435 -23.12 -43.37 -14.90
CA ILE B 435 -24.52 -43.77 -14.97
C ILE B 435 -24.91 -44.78 -13.90
N ASN B 436 -23.99 -45.19 -13.05
CA ASN B 436 -24.31 -46.07 -11.92
C ASN B 436 -24.88 -45.22 -10.79
N ALA B 437 -26.13 -45.50 -10.40
CA ALA B 437 -26.84 -44.63 -9.46
C ALA B 437 -26.15 -44.60 -8.09
N GLY B 438 -25.97 -43.40 -7.55
CA GLY B 438 -25.45 -43.21 -6.21
C GLY B 438 -23.94 -43.30 -6.05
N LYS B 439 -23.19 -43.56 -7.12
CA LYS B 439 -21.74 -43.66 -7.01
C LYS B 439 -21.09 -42.31 -7.32
N PRO B 440 -19.95 -42.04 -6.68
CA PRO B 440 -19.22 -40.79 -6.97
C PRO B 440 -18.81 -40.74 -8.43
N GLN B 441 -19.02 -39.58 -9.06
CA GLN B 441 -18.88 -39.45 -10.51
C GLN B 441 -17.49 -38.89 -10.83
N LEU B 442 -16.48 -39.76 -10.74
CA LEU B 442 -15.08 -39.41 -10.94
C LEU B 442 -14.45 -40.37 -11.91
N THR B 443 -13.37 -39.94 -12.56
CA THR B 443 -12.73 -40.80 -13.55
C THR B 443 -11.98 -41.98 -12.93
N PRO B 444 -11.16 -41.82 -11.89
CA PRO B 444 -10.51 -43.02 -11.33
C PRO B 444 -11.47 -44.02 -10.69
N VAL B 445 -12.62 -43.57 -10.18
CA VAL B 445 -13.65 -44.52 -9.72
C VAL B 445 -14.11 -45.40 -10.87
N ALA B 446 -14.54 -44.78 -11.97
CA ALA B 446 -15.02 -45.53 -13.13
C ALA B 446 -13.98 -46.54 -13.63
N ILE B 447 -12.69 -46.17 -13.58
CA ILE B 447 -11.64 -47.06 -14.06
C ILE B 447 -11.50 -48.27 -13.13
N GLN B 448 -11.46 -48.02 -11.81
CA GLN B 448 -11.44 -49.11 -10.84
C GLN B 448 -12.68 -50.00 -10.97
N ALA B 449 -13.86 -49.42 -11.10
CA ALA B 449 -15.06 -50.25 -11.29
C ALA B 449 -14.92 -51.14 -12.52
N GLY B 450 -14.42 -50.58 -13.62
CA GLY B 450 -14.26 -51.36 -14.85
C GLY B 450 -13.24 -52.48 -14.77
N ARG B 451 -12.01 -52.18 -14.34
CA ARG B 451 -10.99 -53.23 -14.24
C ARG B 451 -11.40 -54.33 -13.27
N TYR B 452 -11.90 -53.94 -12.09
CA TYR B 452 -12.30 -54.95 -11.10
C TYR B 452 -13.46 -55.80 -11.62
N LEU B 453 -14.43 -55.19 -12.31
CA LEU B 453 -15.53 -55.98 -12.87
C LEU B 453 -15.03 -56.98 -13.90
N ALA B 454 -14.18 -56.54 -14.83
CA ALA B 454 -13.63 -57.45 -15.83
C ALA B 454 -12.89 -58.63 -15.19
N ARG B 455 -12.26 -58.44 -14.03
CA ARG B 455 -11.58 -59.57 -13.40
C ARG B 455 -12.54 -60.54 -12.73
N ARG B 456 -13.65 -60.04 -12.17
CA ARG B 456 -14.65 -60.95 -11.63
C ARG B 456 -15.33 -61.75 -12.74
N LEU B 457 -15.58 -61.14 -13.90
CA LEU B 457 -16.29 -61.87 -14.95
C LEU B 457 -15.40 -62.92 -15.62
N PHE B 458 -14.11 -62.64 -15.80
CA PHE B 458 -13.32 -63.46 -16.71
C PHE B 458 -12.09 -64.11 -16.11
N ALA B 459 -11.71 -63.77 -14.89
CA ALA B 459 -10.52 -64.33 -14.27
C ALA B 459 -10.78 -64.97 -12.92
N GLY B 460 -12.03 -65.07 -12.49
CA GLY B 460 -12.33 -65.71 -11.22
C GLY B 460 -12.09 -64.84 -10.00
N ALA B 461 -11.98 -63.53 -10.16
CA ALA B 461 -11.68 -62.68 -9.01
C ALA B 461 -12.93 -62.47 -8.16
N THR B 462 -12.71 -62.03 -6.92
CA THR B 462 -13.79 -61.71 -6.00
C THR B 462 -13.80 -60.27 -5.49
N GLU B 463 -12.71 -59.53 -5.63
CA GLU B 463 -12.62 -58.18 -5.10
C GLU B 463 -13.68 -57.25 -5.70
N LEU B 464 -14.41 -56.55 -4.83
CA LEU B 464 -15.34 -55.51 -5.22
C LEU B 464 -14.67 -54.15 -5.17
N THR B 465 -15.27 -53.18 -5.86
CA THR B 465 -14.83 -51.78 -5.77
C THR B 465 -15.34 -51.14 -4.47
N ASP B 466 -14.47 -50.38 -3.78
CA ASP B 466 -14.82 -49.68 -2.54
C ASP B 466 -15.06 -48.20 -2.85
N TYR B 467 -16.33 -47.80 -2.78
CA TYR B 467 -16.78 -46.45 -3.10
C TYR B 467 -16.79 -45.47 -1.92
N SER B 468 -16.35 -45.88 -0.73
CA SER B 468 -16.43 -45.01 0.44
C SER B 468 -15.17 -44.13 0.59
N ASN B 469 -15.38 -42.92 1.10
CA ASN B 469 -14.26 -42.04 1.46
C ASN B 469 -13.28 -41.82 0.30
N VAL B 470 -13.79 -41.67 -0.90
CA VAL B 470 -12.95 -41.34 -2.05
C VAL B 470 -12.61 -39.84 -2.03
N ALA B 471 -11.31 -39.54 -2.09
CA ALA B 471 -10.85 -38.14 -2.05
C ALA B 471 -11.16 -37.42 -3.36
N THR B 472 -11.26 -36.09 -3.29
CA THR B 472 -11.53 -35.24 -4.43
C THR B 472 -10.57 -34.05 -4.41
N THR B 473 -10.53 -33.30 -5.51
CA THR B 473 -9.86 -32.01 -5.51
C THR B 473 -10.56 -31.10 -6.51
N VAL B 474 -10.85 -29.87 -6.08
CA VAL B 474 -11.44 -28.84 -6.92
C VAL B 474 -10.33 -27.90 -7.33
N PHE B 475 -10.07 -27.79 -8.63
CA PHE B 475 -8.91 -27.05 -9.14
C PHE B 475 -9.25 -25.60 -9.47
N THR B 476 -9.91 -24.92 -8.55
CA THR B 476 -10.07 -23.46 -8.54
C THR B 476 -8.71 -22.77 -8.39
N PRO B 477 -8.61 -21.45 -8.59
CA PRO B 477 -7.28 -20.82 -8.59
C PRO B 477 -6.50 -21.00 -7.29
N LEU B 478 -7.17 -21.09 -6.14
CA LEU B 478 -6.64 -21.75 -4.96
C LEU B 478 -7.35 -23.09 -4.82
N GLU B 479 -6.61 -24.18 -4.82
CA GLU B 479 -7.23 -25.50 -4.91
C GLU B 479 -7.76 -25.95 -3.55
N TYR B 480 -8.77 -26.82 -3.61
CA TYR B 480 -9.45 -27.38 -2.45
C TYR B 480 -9.49 -28.90 -2.56
N GLY B 481 -8.86 -29.59 -1.61
CA GLY B 481 -8.89 -31.04 -1.58
C GLY B 481 -9.60 -31.52 -0.33
N ALA B 482 -10.29 -32.66 -0.44
CA ALA B 482 -11.03 -33.21 0.68
C ALA B 482 -11.04 -34.75 0.65
N CYS B 483 -11.22 -35.35 1.83
CA CYS B 483 -11.49 -36.79 1.93
C CYS B 483 -12.44 -37.04 3.09
N GLY B 484 -13.58 -37.68 2.81
CA GLY B 484 -14.50 -38.03 3.88
C GLY B 484 -15.59 -37.00 4.14
N LEU B 485 -16.14 -36.96 5.35
CA LEU B 485 -17.34 -36.15 5.58
C LEU B 485 -17.03 -34.66 5.68
N SER B 486 -17.96 -33.85 5.18
CA SER B 486 -17.98 -32.43 5.54
C SER B 486 -18.25 -32.28 7.04
N GLU B 487 -17.95 -31.08 7.56
CA GLU B 487 -18.21 -30.84 8.97
C GLU B 487 -19.71 -30.92 9.29
N GLU B 488 -20.56 -30.31 8.45
CA GLU B 488 -22.00 -30.34 8.69
C GLU B 488 -22.56 -31.76 8.63
N ASP B 489 -22.07 -32.60 7.70
CA ASP B 489 -22.55 -33.99 7.62
C ASP B 489 -22.16 -34.79 8.86
N ALA B 490 -20.94 -34.58 9.36
CA ALA B 490 -20.45 -35.31 10.53
C ALA B 490 -21.21 -34.92 11.78
N ILE B 491 -21.50 -33.62 11.95
CA ILE B 491 -22.24 -33.19 13.12
C ILE B 491 -23.65 -33.75 13.07
N GLU B 492 -24.32 -33.62 11.92
CA GLU B 492 -25.69 -34.09 11.78
C GLU B 492 -25.82 -35.57 12.09
N LYS B 493 -24.78 -36.36 11.79
CA LYS B 493 -24.86 -37.81 11.95
C LYS B 493 -24.56 -38.25 13.39
N TYR B 494 -23.61 -37.60 14.08
CA TYR B 494 -23.27 -38.00 15.43
C TYR B 494 -23.57 -36.97 16.51
N GLY B 495 -23.94 -35.74 16.15
CA GLY B 495 -24.23 -34.74 17.16
C GLY B 495 -23.03 -33.88 17.51
N ASP B 496 -23.27 -32.59 17.78
CA ASP B 496 -22.19 -31.63 17.99
C ASP B 496 -21.32 -32.00 19.19
N LYS B 497 -21.90 -32.62 20.21
CA LYS B 497 -21.15 -32.90 21.42
C LYS B 497 -20.06 -33.92 21.17
N ASP B 498 -20.25 -34.80 20.20
CA ASP B 498 -19.33 -35.90 19.90
C ASP B 498 -18.35 -35.59 18.76
N ILE B 499 -18.34 -34.37 18.24
CA ILE B 499 -17.46 -33.97 17.14
C ILE B 499 -16.44 -32.96 17.64
N GLU B 500 -15.15 -33.23 17.41
CA GLU B 500 -14.09 -32.26 17.65
C GLU B 500 -13.41 -31.91 16.33
N VAL B 501 -13.10 -30.63 16.15
CA VAL B 501 -12.53 -30.12 14.90
C VAL B 501 -11.22 -29.39 15.21
N TYR B 502 -10.13 -29.88 14.64
CA TYR B 502 -8.85 -29.19 14.71
C TYR B 502 -8.59 -28.46 13.39
N HIS B 503 -8.13 -27.22 13.47
CA HIS B 503 -7.94 -26.42 12.26
C HIS B 503 -6.76 -25.46 12.47
N SER B 504 -6.37 -24.81 11.37
CA SER B 504 -5.23 -23.88 11.37
C SER B 504 -5.12 -23.24 9.98
N ASN B 505 -4.70 -21.97 9.96
CA ASN B 505 -4.25 -21.32 8.74
C ASN B 505 -2.78 -21.67 8.48
N PHE B 506 -2.31 -21.43 7.25
CA PHE B 506 -0.88 -21.50 6.97
C PHE B 506 -0.54 -20.61 5.78
N LYS B 507 0.76 -20.50 5.53
CA LYS B 507 1.32 -19.68 4.46
C LYS B 507 2.42 -20.47 3.77
N PRO B 508 2.26 -20.83 2.49
CA PRO B 508 3.34 -21.57 1.80
C PRO B 508 4.63 -20.75 1.83
N LEU B 509 5.76 -21.45 1.98
CA LEU B 509 7.04 -20.75 2.06
C LEU B 509 7.35 -20.00 0.77
N GLU B 510 6.89 -20.54 -0.37
CA GLU B 510 7.00 -19.85 -1.65
C GLU B 510 6.28 -18.49 -1.68
N TRP B 511 5.30 -18.26 -0.79
CA TRP B 511 4.55 -17.01 -0.80
C TRP B 511 5.23 -15.88 -0.02
N THR B 512 6.23 -16.19 0.82
CA THR B 512 6.88 -15.17 1.63
C THR B 512 7.58 -14.13 0.76
N VAL B 513 8.58 -14.57 -0.01
CA VAL B 513 9.38 -13.63 -0.78
C VAL B 513 8.55 -12.99 -1.90
N ALA B 514 7.47 -13.66 -2.34
CA ALA B 514 6.56 -13.12 -3.35
C ALA B 514 5.53 -12.16 -2.78
N HIS B 515 5.49 -11.96 -1.46
CA HIS B 515 4.59 -10.98 -0.82
C HIS B 515 3.11 -11.31 -1.07
N ARG B 516 2.73 -12.58 -0.86
CA ARG B 516 1.35 -13.03 -1.00
C ARG B 516 0.69 -13.16 0.38
N GLU B 517 -0.61 -13.49 0.38
CA GLU B 517 -1.44 -13.35 1.58
C GLU B 517 -1.03 -14.31 2.71
N ASP B 518 -1.29 -13.89 3.94
CA ASP B 518 -0.81 -14.53 5.17
C ASP B 518 -1.77 -15.57 5.72
N ASN B 519 -3.06 -15.32 5.67
CA ASN B 519 -4.03 -16.15 6.39
C ASN B 519 -5.19 -16.52 5.47
N VAL B 520 -4.85 -17.06 4.30
CA VAL B 520 -5.82 -17.52 3.32
C VAL B 520 -5.82 -19.04 3.22
N CYS B 521 -4.64 -19.66 3.12
CA CYS B 521 -4.64 -21.12 3.12
C CYS B 521 -5.12 -21.62 4.49
N TYR B 522 -5.78 -22.78 4.48
CA TYR B 522 -6.50 -23.29 5.65
C TYR B 522 -6.62 -24.81 5.57
N MET B 523 -6.68 -25.47 6.74
CA MET B 523 -6.98 -26.89 6.75
C MET B 523 -7.73 -27.23 8.04
N LYS B 524 -8.39 -28.37 8.05
CA LYS B 524 -9.00 -28.86 9.28
C LYS B 524 -9.10 -30.38 9.25
N LEU B 525 -9.12 -30.98 10.44
CA LEU B 525 -9.46 -32.40 10.63
C LEU B 525 -10.73 -32.47 11.48
N VAL B 526 -11.71 -33.25 11.03
CA VAL B 526 -13.02 -33.39 11.67
C VAL B 526 -13.05 -34.78 12.29
N CYS B 527 -13.13 -34.86 13.62
CA CYS B 527 -12.92 -36.13 14.32
C CYS B 527 -14.05 -36.48 15.28
N ARG B 528 -14.24 -37.77 15.50
CA ARG B 528 -15.28 -38.29 16.39
C ARG B 528 -14.68 -38.63 17.75
N LYS B 529 -15.09 -37.89 18.79
CA LYS B 529 -14.52 -38.06 20.13
C LYS B 529 -14.70 -39.49 20.64
N SER B 530 -15.92 -40.02 20.59
CA SER B 530 -16.21 -41.33 21.19
C SER B 530 -15.71 -42.51 20.35
N ASP B 531 -15.03 -42.27 19.23
CA ASP B 531 -14.42 -43.37 18.49
C ASP B 531 -12.91 -43.15 18.39
N ASN B 532 -12.28 -42.87 19.54
CA ASN B 532 -10.83 -42.71 19.60
C ASN B 532 -10.35 -41.56 18.72
N MET B 533 -11.14 -40.49 18.59
CA MET B 533 -10.78 -39.33 17.77
C MET B 533 -10.47 -39.76 16.33
N ARG B 534 -11.30 -40.67 15.80
CA ARG B 534 -11.20 -41.09 14.40
C ARG B 534 -11.36 -39.91 13.47
N VAL B 535 -10.52 -39.86 12.43
CA VAL B 535 -10.58 -38.76 11.46
C VAL B 535 -11.76 -39.05 10.52
N LEU B 536 -12.84 -38.29 10.64
CA LEU B 536 -13.99 -38.53 9.78
C LEU B 536 -13.90 -37.79 8.45
N GLY B 537 -13.24 -36.65 8.42
CA GLY B 537 -13.00 -35.94 7.16
C GLY B 537 -11.77 -35.06 7.28
N LEU B 538 -11.08 -34.91 6.15
CA LEU B 538 -9.90 -34.04 6.04
C LEU B 538 -10.14 -33.02 4.94
N HIS B 539 -9.76 -31.76 5.19
CA HIS B 539 -10.00 -30.65 4.26
C HIS B 539 -8.78 -29.73 4.20
N VAL B 540 -8.38 -29.33 2.99
CA VAL B 540 -7.26 -28.39 2.82
C VAL B 540 -7.48 -27.48 1.63
N LEU B 541 -7.25 -26.18 1.82
CA LEU B 541 -7.32 -25.17 0.78
C LEU B 541 -5.94 -24.54 0.63
N GLY B 542 -5.34 -24.67 -0.55
CA GLY B 542 -3.98 -24.24 -0.78
C GLY B 542 -3.39 -24.77 -2.07
N PRO B 543 -2.13 -24.39 -2.35
CA PRO B 543 -1.47 -24.85 -3.56
C PRO B 543 -1.18 -26.34 -3.52
N ASN B 544 -1.29 -26.99 -4.68
CA ASN B 544 -1.04 -28.42 -4.83
C ASN B 544 -1.91 -29.27 -3.90
N ALA B 545 -3.21 -28.94 -3.83
CA ALA B 545 -4.09 -29.63 -2.88
C ALA B 545 -4.26 -31.10 -3.23
N GLY B 546 -4.20 -31.44 -4.51
CA GLY B 546 -4.34 -32.84 -4.88
C GLY B 546 -3.16 -33.66 -4.38
N GLU B 547 -1.95 -33.17 -4.60
CA GLU B 547 -0.78 -33.90 -4.14
C GLU B 547 -0.79 -34.02 -2.62
N ILE B 548 -1.18 -32.95 -1.92
CA ILE B 548 -1.25 -32.98 -0.46
C ILE B 548 -2.21 -34.06 0.01
N THR B 549 -3.40 -34.12 -0.59
CA THR B 549 -4.51 -34.92 -0.07
C THR B 549 -4.36 -36.41 -0.37
N GLN B 550 -3.75 -36.79 -1.49
CA GLN B 550 -3.80 -38.18 -1.94
C GLN B 550 -3.34 -39.15 -0.86
N GLY B 551 -2.16 -38.90 -0.29
CA GLY B 551 -1.59 -39.85 0.66
C GLY B 551 -2.49 -40.08 1.85
N TYR B 552 -3.06 -39.01 2.42
CA TYR B 552 -3.90 -39.16 3.61
C TYR B 552 -5.12 -40.06 3.35
N ALA B 553 -5.55 -40.22 2.10
CA ALA B 553 -6.70 -41.09 1.84
C ALA B 553 -6.39 -42.54 2.13
N VAL B 554 -5.11 -42.94 2.08
CA VAL B 554 -4.75 -44.30 2.47
C VAL B 554 -4.82 -44.45 3.98
N ALA B 555 -4.42 -43.42 4.72
CA ALA B 555 -4.55 -43.54 6.17
C ALA B 555 -6.03 -43.52 6.58
N ILE B 556 -6.85 -42.75 5.87
CA ILE B 556 -8.27 -42.67 6.22
C ILE B 556 -8.98 -43.97 5.85
N LYS B 557 -8.56 -44.62 4.76
CA LYS B 557 -9.11 -45.92 4.42
C LYS B 557 -8.81 -46.93 5.52
N MET B 558 -7.62 -46.82 6.10
CA MET B 558 -7.21 -47.66 7.22
C MET B 558 -7.78 -47.19 8.56
N GLY B 559 -8.55 -46.09 8.60
CA GLY B 559 -9.15 -45.66 9.86
C GLY B 559 -8.25 -44.88 10.80
N ALA B 560 -7.58 -43.84 10.30
CA ALA B 560 -6.65 -43.11 11.15
C ALA B 560 -7.40 -42.28 12.20
N THR B 561 -6.72 -42.07 13.32
CA THR B 561 -7.13 -41.24 14.44
C THR B 561 -6.23 -40.00 14.52
N LYS B 562 -6.65 -39.03 15.34
CA LYS B 562 -5.80 -37.87 15.58
C LYS B 562 -4.44 -38.29 16.12
N ALA B 563 -4.42 -39.33 16.97
CA ALA B 563 -3.16 -39.82 17.54
C ALA B 563 -2.21 -40.32 16.44
N ASP B 564 -2.74 -40.97 15.41
CA ASP B 564 -1.89 -41.38 14.28
C ASP B 564 -1.26 -40.17 13.61
N PHE B 565 -2.01 -39.08 13.42
CA PHE B 565 -1.44 -37.90 12.81
C PHE B 565 -0.35 -37.30 13.71
N ASP B 566 -0.64 -37.20 15.02
CA ASP B 566 0.31 -36.61 15.97
C ASP B 566 1.65 -37.33 15.96
N ARG B 567 1.62 -38.67 16.08
CA ARG B 567 2.87 -39.42 16.21
C ARG B 567 3.66 -39.53 14.90
N THR B 568 3.12 -39.07 13.78
CA THR B 568 3.86 -39.03 12.52
C THR B 568 4.58 -37.67 12.41
N ILE B 569 5.80 -37.69 11.89
CA ILE B 569 6.66 -36.51 11.81
C ILE B 569 6.46 -35.84 10.46
N GLY B 570 6.68 -34.54 10.42
CA GLY B 570 6.49 -33.81 9.19
C GLY B 570 7.73 -33.76 8.31
N ILE B 571 7.51 -33.41 7.04
CA ILE B 571 8.56 -33.06 6.09
C ILE B 571 8.62 -31.55 5.97
N HIS B 572 9.81 -30.99 6.18
CA HIS B 572 10.05 -29.54 6.24
C HIS B 572 11.04 -29.11 5.17
N PRO B 573 10.75 -28.04 4.42
CA PRO B 573 9.54 -27.21 4.49
C PRO B 573 8.50 -27.61 3.45
N THR B 574 7.29 -27.91 3.90
CA THR B 574 6.16 -28.23 3.04
C THR B 574 4.89 -27.63 3.63
N CYS B 575 3.90 -27.44 2.77
CA CYS B 575 2.54 -27.15 3.22
C CYS B 575 1.94 -28.34 3.97
N SER B 576 2.13 -29.57 3.45
CA SER B 576 1.42 -30.73 4.00
C SER B 576 1.74 -30.98 5.47
N GLU B 577 2.95 -30.61 5.93
CA GLU B 577 3.37 -30.95 7.29
C GLU B 577 2.49 -30.29 8.35
N THR B 578 1.74 -29.23 8.01
CA THR B 578 0.86 -28.60 8.97
C THR B 578 -0.21 -29.58 9.51
N PHE B 579 -0.51 -30.66 8.79
CA PHE B 579 -1.43 -31.69 9.29
C PHE B 579 -0.86 -32.52 10.43
N THR B 580 0.47 -32.54 10.62
CA THR B 580 1.08 -33.40 11.62
C THR B 580 1.21 -32.74 12.99
N THR B 581 0.86 -31.44 13.10
CA THR B 581 1.01 -30.69 14.35
C THR B 581 -0.25 -29.88 14.70
N LEU B 582 -1.40 -30.23 14.15
CA LEU B 582 -2.62 -29.49 14.44
C LEU B 582 -2.95 -29.59 15.94
N HIS B 583 -3.47 -28.51 16.51
CA HIS B 583 -3.81 -28.52 17.94
C HIS B 583 -4.91 -27.54 18.36
N VAL B 584 -5.15 -26.47 17.61
CA VAL B 584 -6.25 -25.55 17.97
C VAL B 584 -7.57 -26.21 17.65
N THR B 585 -8.50 -26.20 18.61
CA THR B 585 -9.84 -26.75 18.41
C THR B 585 -10.83 -25.63 18.19
N LYS B 586 -11.89 -25.94 17.43
CA LYS B 586 -12.97 -24.98 17.23
C LYS B 586 -13.70 -24.71 18.55
N LYS B 587 -13.90 -25.74 19.37
CA LYS B 587 -14.64 -25.55 20.61
C LYS B 587 -13.95 -24.54 21.52
N SER B 588 -12.64 -24.38 21.39
CA SER B 588 -11.87 -23.60 22.33
C SER B 588 -11.99 -22.10 22.08
N GLY B 589 -12.26 -21.69 20.85
CA GLY B 589 -12.28 -20.29 20.51
C GLY B 589 -10.95 -19.65 20.18
N VAL B 590 -9.82 -20.36 20.34
CA VAL B 590 -8.55 -19.78 19.96
C VAL B 590 -8.51 -19.56 18.45
N SER B 591 -8.01 -18.38 18.05
CA SER B 591 -7.93 -18.07 16.63
C SER B 591 -7.04 -19.07 15.89
N PRO B 592 -7.33 -19.38 14.64
CA PRO B 592 -6.45 -20.24 13.84
C PRO B 592 -5.41 -19.49 13.00
N ILE B 593 -5.32 -18.16 13.11
CA ILE B 593 -4.34 -17.42 12.30
C ILE B 593 -2.92 -17.65 12.83
N VAL B 594 -1.94 -17.39 11.97
CA VAL B 594 -0.53 -17.61 12.29
C VAL B 594 0.24 -16.30 12.25
#